data_4FKK
#
_entry.id   4FKK
#
_cell.length_a   260.611
_cell.length_b   63.014
_cell.length_c   81.705
_cell.angle_alpha   90.00
_cell.angle_beta   100.83
_cell.angle_gamma   90.00
#
_symmetry.space_group_name_H-M   'C 1 2 1'
#
loop_
_entity.id
_entity.type
_entity.pdbx_description
1 polymer 'Aminopeptidase N'
2 branched 2-acetamido-2-deoxy-beta-D-glucopyranose-(1-4)-2-acetamido-2-deoxy-beta-D-glucopyranose-(1-4)-2-acetamido-2-deoxy-beta-D-glucopyranose
3 branched 2-acetamido-2-deoxy-beta-D-glucopyranose-(1-4)-2-acetamido-2-deoxy-beta-D-glucopyranose
4 non-polymer 2-acetamido-2-deoxy-beta-D-glucopyranose
5 non-polymer '2-(3-AMINO-2-HYDROXY-4-PHENYL-BUTYRYLAMINO)-4-METHYL-PENTANOIC ACID'
6 non-polymer 'ZINC ION'
7 water water
#
_entity_poly.entity_id   1
_entity_poly.type   'polypeptide(L)'
_entity_poly.pdbx_seq_one_letter_code
;DQSKPWNRYRLPTTLLPDSYNVTLRPYLTPNADGLYIFKGKSIVRFLCQEPTDVIIIHSKKLNYTTQGHMVVLRGVGDSQ
VPEIDRTELVELTEYLVVHLKGSLQPGHMYEMESEFQGELADDLAGFYRSEYMEGNVKKVLATTQMQSTDARKSFPCFDE
PAMKATFNITLIHPNNLTALSNMPPKGSSTPLAEDPNWSVTEFETTPVMSTYLLAYIVSEFQSVNETAQNGVLIRIWARP
NAIAEGHGMYALNVTGPILNFFANHYNTSYPLPKSDQIALPDFNAGAMENWGLVTYRENALLFDPQSSSISNKERVVTVI
AHELAHQWFGNLVTLAWWNDLWLNEGFASYVEYLGADHAEPTWNLKDLIVPGDVYRVMAVDALASSHPLTTPAEEVNTPA
QISEMFDSISYSKGASVIRMLSNFLTEDLFKEGLASYLHAFAYQNTTYLDLWEHLQKAVDAQTSIRLPDTVRAIMDRWTL
QMGFPVITVDTKTGNISQKHFLLDSESNVTRSSAFDYLWIVPISSIKNGVMQDHYWLRDVSQAQNDLFKTASDDWVLLNV
NVTGYFQVNYDEDNWRMIQHQLQTNLSVIPVINRAQVIYDSFNLATAHMVPVTLALDNTLFLNGEKEYMPWQAALSSLSY
FSLMFDRSEVYGPMKKYLRKQVEPLFQHFETLTKNWTERPENLMDQYSEINAISTACSNGLPQCENLAKTLFDQWMSDPE
NNPIHPNLRSTIYCNAIAQGGQDQWDFAWGQLQQAQLVNEADKLRSALACSNEVWLLNRYLGYTLNPDLIRKQDATSTIN
SIASNVIGQPLAWDFVQSNWKKLFQDYGGGSFSFSNLIQGVTRRFSSEFELQQLEQFKKNNMDVGFGSGTRALEQALEKT
KANIKWVKENKEVVLNWFIEHSSHHHHHH
;
_entity_poly.pdbx_strand_id   A
#
# COMPACT_ATOMS: atom_id res chain seq x y z
N GLN A 2 9.57 16.89 38.64
CA GLN A 2 8.89 17.22 37.36
C GLN A 2 9.88 17.45 36.22
N SER A 3 9.61 16.83 35.07
CA SER A 3 10.48 16.95 33.89
C SER A 3 10.20 18.21 33.07
N LYS A 4 11.19 18.58 32.26
CA LYS A 4 11.21 19.83 31.51
C LYS A 4 10.45 19.61 30.21
N PRO A 5 9.51 20.50 29.86
CA PRO A 5 8.63 20.30 28.71
C PRO A 5 9.36 20.09 27.37
N TRP A 6 10.58 20.63 27.22
CA TRP A 6 11.38 20.44 25.99
C TRP A 6 11.97 19.03 25.90
N ASN A 7 11.75 18.23 26.92
CA ASN A 7 12.18 16.86 26.86
C ASN A 7 11.01 15.89 26.69
N ARG A 8 9.80 16.42 26.54
CA ARG A 8 8.61 15.58 26.28
C ARG A 8 8.32 15.66 24.79
N TYR A 9 8.13 14.52 24.16
CA TYR A 9 7.83 14.43 22.74
C TYR A 9 6.59 15.12 22.19
N ARG A 10 5.53 15.24 23.00
CA ARG A 10 4.33 15.97 22.60
C ARG A 10 4.48 17.46 22.96
N LEU A 11 3.90 18.36 22.16
CA LEU A 11 4.06 19.81 22.36
C LEU A 11 3.22 20.25 23.55
N PRO A 12 3.56 21.39 24.21
CA PRO A 12 2.57 21.94 25.15
C PRO A 12 1.31 22.32 24.41
N THR A 13 0.27 22.63 25.18
CA THR A 13 -1.01 23.05 24.63
C THR A 13 -1.18 24.53 25.00
N THR A 14 -0.11 25.12 25.53
CA THR A 14 -0.08 26.52 25.95
C THR A 14 -0.09 27.52 24.80
N LEU A 15 0.39 27.11 23.64
CA LEU A 15 0.48 28.01 22.49
C LEU A 15 -0.13 27.33 21.26
N LEU A 16 -1.03 28.03 20.57
CA LEU A 16 -1.58 27.44 19.34
C LEU A 16 -1.41 28.39 18.20
N PRO A 17 -0.98 27.85 17.03
CA PRO A 17 -0.67 28.71 15.89
C PRO A 17 -1.94 29.19 15.24
N ASP A 18 -1.86 30.35 14.62
CA ASP A 18 -2.95 30.95 13.87
C ASP A 18 -2.57 30.88 12.41
N SER A 19 -1.37 31.33 12.10
CA SER A 19 -0.97 31.53 10.72
C SER A 19 0.55 31.63 10.56
N TYR A 20 0.99 31.27 9.36
CA TYR A 20 2.38 31.21 9.02
C TYR A 20 2.63 31.93 7.70
N ASN A 21 3.70 32.72 7.66
CA ASN A 21 4.34 33.10 6.40
C ASN A 21 5.62 32.27 6.28
N VAL A 22 5.82 31.65 5.12
CA VAL A 22 7.00 30.80 4.93
C VAL A 22 7.52 31.04 3.51
N THR A 23 8.78 31.46 3.41
CA THR A 23 9.42 31.73 2.13
C THR A 23 10.58 30.79 2.00
N LEU A 24 10.55 29.98 0.95
CA LEU A 24 11.62 29.01 0.77
C LEU A 24 12.39 29.31 -0.49
N ARG A 25 13.70 29.11 -0.46
CA ARG A 25 14.52 29.31 -1.64
C ARG A 25 15.50 28.18 -1.77
N PRO A 26 15.26 27.25 -2.72
CA PRO A 26 16.20 26.15 -2.94
C PRO A 26 17.36 26.57 -3.83
N TYR A 27 18.53 26.04 -3.56
CA TYR A 27 19.66 26.33 -4.45
C TYR A 27 20.01 25.03 -5.14
N LEU A 28 19.58 24.91 -6.38
CA LEU A 28 19.69 23.69 -7.19
C LEU A 28 21.05 23.45 -7.87
N THR A 29 21.96 24.41 -7.71
CA THR A 29 23.37 24.24 -8.02
C THR A 29 24.13 24.01 -6.68
N PRO A 30 24.95 22.94 -6.60
CA PRO A 30 25.69 22.64 -5.35
C PRO A 30 26.78 23.68 -5.07
N ASN A 31 27.33 23.69 -3.85
CA ASN A 31 28.36 24.67 -3.48
C ASN A 31 29.82 24.28 -3.76
N ALA A 32 30.03 23.44 -4.78
CA ALA A 32 31.39 22.99 -5.18
C ALA A 32 31.96 21.89 -4.28
N ASP A 33 31.65 21.95 -2.98
CA ASP A 33 31.87 20.81 -2.08
C ASP A 33 30.81 19.73 -2.36
N GLY A 34 29.85 20.04 -3.23
CA GLY A 34 28.77 19.12 -3.57
C GLY A 34 27.57 19.17 -2.62
N LEU A 35 27.51 20.21 -1.79
CA LEU A 35 26.36 20.43 -0.92
C LEU A 35 25.31 21.26 -1.63
N TYR A 36 24.07 20.77 -1.66
CA TYR A 36 22.96 21.63 -2.04
C TYR A 36 22.23 22.04 -0.79
N ILE A 37 21.81 23.32 -0.76
CA ILE A 37 21.08 23.91 0.37
C ILE A 37 19.75 24.55 -0.06
N PHE A 38 18.87 24.79 0.91
CA PHE A 38 17.74 25.69 0.73
C PHE A 38 17.82 26.72 1.86
N LYS A 39 17.31 27.92 1.61
CA LYS A 39 17.28 28.98 2.59
C LYS A 39 15.83 29.29 2.88
N GLY A 40 15.54 29.70 4.10
CA GLY A 40 14.18 30.02 4.45
C GLY A 40 14.07 31.21 5.36
N LYS A 41 12.89 31.80 5.35
CA LYS A 41 12.50 32.74 6.37
C LYS A 41 11.03 32.42 6.75
N SER A 42 10.71 32.48 8.04
CA SER A 42 9.34 32.24 8.44
C SER A 42 8.84 33.18 9.50
N ILE A 43 7.53 33.38 9.50
CA ILE A 43 6.91 34.06 10.61
C ILE A 43 5.70 33.23 10.99
N VAL A 44 5.59 32.91 12.27
CA VAL A 44 4.44 32.15 12.78
C VAL A 44 3.71 33.06 13.75
N ARG A 45 2.42 33.27 13.51
CA ARG A 45 1.60 33.98 14.46
C ARG A 45 0.89 32.92 15.30
N PHE A 46 0.97 33.04 16.61
CA PHE A 46 0.30 32.11 17.49
C PHE A 46 -0.39 32.83 18.64
N LEU A 47 -1.26 32.09 19.32
CA LEU A 47 -2.03 32.62 20.41
C LEU A 47 -1.61 31.96 21.75
N CYS A 48 -1.47 32.77 22.79
CA CYS A 48 -1.31 32.23 24.15
C CYS A 48 -2.64 31.73 24.74
N GLN A 49 -2.68 30.47 25.17
CA GLN A 49 -3.84 29.85 25.84
C GLN A 49 -3.71 29.91 27.36
N GLU A 50 -2.57 29.43 27.84
CA GLU A 50 -2.22 29.46 29.25
C GLU A 50 -0.90 30.23 29.39
N PRO A 51 -0.70 30.95 30.52
CA PRO A 51 0.57 31.65 30.77
C PRO A 51 1.77 30.72 30.61
N THR A 52 2.84 31.20 30.00
CA THR A 52 4.08 30.42 29.90
C THR A 52 5.30 31.28 29.52
N ASP A 53 6.47 30.84 29.96
CA ASP A 53 7.67 31.63 29.82
C ASP A 53 8.70 30.91 28.93
N VAL A 54 8.15 30.04 28.09
CA VAL A 54 8.90 29.30 27.09
C VAL A 54 8.04 29.01 25.85
N ILE A 55 8.68 28.97 24.70
CA ILE A 55 8.00 28.71 23.45
C ILE A 55 8.70 27.47 22.96
N ILE A 56 7.95 26.39 22.81
CA ILE A 56 8.48 25.17 22.24
C ILE A 56 7.84 24.90 20.87
N ILE A 57 8.69 24.67 19.87
CA ILE A 57 8.24 24.55 18.50
C ILE A 57 9.17 23.56 17.78
N HIS A 58 8.65 22.84 16.79
CA HIS A 58 9.46 21.83 16.11
C HIS A 58 10.49 22.40 15.19
N SER A 59 11.68 21.80 15.18
CA SER A 59 12.77 22.15 14.22
C SER A 59 13.70 20.96 14.06
N LYS A 60 14.18 20.74 12.84
CA LYS A 60 14.92 19.52 12.55
C LYS A 60 15.91 19.73 11.42
N LYS A 61 17.19 19.74 11.78
CA LYS A 61 18.27 19.84 10.82
C LYS A 61 18.22 21.16 10.05
N LEU A 62 17.93 22.21 10.81
CA LEU A 62 17.98 23.59 10.32
C LEU A 62 18.97 24.38 11.14
N ASN A 63 19.78 25.18 10.45
CA ASN A 63 20.69 26.11 11.10
C ASN A 63 20.03 27.46 11.04
N TYR A 64 20.18 28.27 12.09
CA TYR A 64 19.53 29.57 12.09
C TYR A 64 20.51 30.67 11.80
N THR A 65 20.07 31.62 10.99
CA THR A 65 20.89 32.78 10.70
C THR A 65 20.10 34.05 11.01
N THR A 66 19.02 33.94 11.78
CA THR A 66 18.37 35.10 12.35
C THR A 66 19.37 35.99 13.07
N GLN A 67 19.12 37.30 12.95
CA GLN A 67 19.89 38.34 13.60
C GLN A 67 19.56 38.29 15.09
N GLY A 68 20.58 38.18 15.94
CA GLY A 68 20.36 38.19 17.38
C GLY A 68 20.26 36.77 17.90
N HIS A 69 19.14 36.46 18.58
CA HIS A 69 18.83 35.07 18.94
C HIS A 69 18.36 34.33 17.71
N MET A 70 18.13 33.04 17.86
CA MET A 70 17.63 32.22 16.76
C MET A 70 16.29 32.65 16.21
N VAL A 71 15.50 33.41 16.97
CA VAL A 71 14.21 33.95 16.50
C VAL A 71 14.12 35.40 16.94
N VAL A 72 13.22 36.16 16.35
CA VAL A 72 12.86 37.49 16.85
C VAL A 72 11.39 37.36 17.27
N LEU A 73 11.03 37.93 18.42
CA LEU A 73 9.67 37.76 19.00
C LEU A 73 8.99 39.11 19.14
N ARG A 74 7.77 39.22 18.59
CA ARG A 74 7.00 40.46 18.63
C ARG A 74 5.59 40.20 19.07
N GLY A 75 4.98 41.23 19.67
CA GLY A 75 3.56 41.18 20.02
C GLY A 75 2.73 41.70 18.87
N VAL A 76 1.54 41.16 18.74
CA VAL A 76 0.63 41.53 17.67
C VAL A 76 -0.24 42.66 18.14
N GLY A 77 -0.46 43.64 17.26
CA GLY A 77 -1.19 44.84 17.63
C GLY A 77 -0.43 45.52 18.76
N ASP A 78 -1.09 45.77 19.88
CA ASP A 78 -0.43 46.45 21.00
C ASP A 78 -0.03 45.52 22.17
N SER A 79 -0.06 44.21 21.94
CA SER A 79 0.51 43.32 22.94
C SER A 79 2.00 43.66 23.17
N GLN A 80 2.41 43.62 24.43
CA GLN A 80 3.79 43.73 24.76
C GLN A 80 4.31 42.31 24.63
N VAL A 81 5.62 42.15 24.69
CA VAL A 81 6.23 40.86 24.51
C VAL A 81 7.42 40.79 25.47
N PRO A 82 7.72 39.59 26.01
CA PRO A 82 8.86 39.51 26.89
C PRO A 82 10.15 39.42 26.11
N GLU A 83 11.24 39.79 26.78
CA GLU A 83 12.56 39.68 26.21
C GLU A 83 12.94 38.22 26.19
N ILE A 84 13.76 37.87 25.23
CA ILE A 84 14.23 36.52 25.11
C ILE A 84 15.44 36.38 26.04
N ASP A 85 15.49 35.26 26.75
CA ASP A 85 16.65 34.96 27.58
C ASP A 85 17.72 34.26 26.75
N ARG A 86 17.36 33.13 26.16
CA ARG A 86 18.22 32.39 25.25
C ARG A 86 17.35 31.45 24.42
N THR A 87 17.82 31.14 23.21
CA THR A 87 17.19 30.15 22.33
C THR A 87 18.15 28.99 22.12
N GLU A 88 17.66 27.76 22.27
CA GLU A 88 18.46 26.54 22.12
C GLU A 88 17.71 25.51 21.23
N LEU A 89 18.46 24.62 20.60
CA LEU A 89 17.88 23.51 19.88
C LEU A 89 18.08 22.22 20.67
N VAL A 90 16.99 21.48 20.92
CA VAL A 90 17.11 20.19 21.62
C VAL A 90 16.87 19.09 20.61
N GLU A 91 17.93 18.44 20.16
CA GLU A 91 17.84 17.55 18.99
C GLU A 91 16.97 16.30 19.14
N LEU A 92 16.99 15.70 20.34
CA LEU A 92 16.34 14.42 20.54
C LEU A 92 14.85 14.52 20.26
N THR A 93 14.21 15.52 20.86
CA THR A 93 12.78 15.75 20.70
C THR A 93 12.48 16.73 19.57
N GLU A 94 13.49 17.11 18.79
CA GLU A 94 13.33 17.99 17.61
C GLU A 94 12.67 19.38 17.85
N TYR A 95 13.25 20.16 18.74
CA TYR A 95 12.64 21.38 19.18
C TYR A 95 13.58 22.57 18.99
N LEU A 96 12.99 23.73 18.72
CA LEU A 96 13.61 25.01 18.99
C LEU A 96 12.95 25.52 20.27
N VAL A 97 13.75 25.83 21.28
CA VAL A 97 13.19 26.25 22.54
C VAL A 97 13.57 27.69 22.79
N VAL A 98 12.57 28.54 23.00
CA VAL A 98 12.82 29.96 23.22
C VAL A 98 12.44 30.32 24.65
N HIS A 99 13.45 30.48 25.50
CA HIS A 99 13.27 30.83 26.90
C HIS A 99 13.11 32.30 27.00
N LEU A 100 12.11 32.73 27.76
CA LEU A 100 11.78 34.15 27.93
C LEU A 100 12.05 34.68 29.33
N LYS A 101 12.26 35.99 29.42
CA LYS A 101 12.54 36.66 30.70
C LYS A 101 11.26 36.96 31.45
N GLY A 102 10.12 36.59 30.86
CA GLY A 102 8.81 36.76 31.47
C GLY A 102 7.77 35.91 30.75
N SER A 103 6.51 36.05 31.10
CA SER A 103 5.52 35.14 30.57
C SER A 103 4.63 35.77 29.54
N LEU A 104 4.23 34.96 28.58
CA LEU A 104 3.19 35.36 27.62
C LEU A 104 1.85 35.35 28.33
N GLN A 105 0.86 36.03 27.73
CA GLN A 105 -0.42 36.30 28.35
C GLN A 105 -1.60 35.73 27.62
N PRO A 106 -2.44 34.95 28.32
CA PRO A 106 -3.66 34.36 27.75
C PRO A 106 -4.44 35.37 26.89
N GLY A 107 -4.83 34.95 25.70
CA GLY A 107 -5.58 35.82 24.81
C GLY A 107 -4.69 36.69 23.95
N HIS A 108 -3.39 36.71 24.23
CA HIS A 108 -2.50 37.56 23.45
C HIS A 108 -1.93 36.78 22.26
N MET A 109 -1.78 37.47 21.12
CA MET A 109 -1.14 36.91 19.93
C MET A 109 0.28 37.42 19.81
N TYR A 110 1.16 36.55 19.34
CA TYR A 110 2.58 36.86 19.14
C TYR A 110 3.03 36.45 17.77
N GLU A 111 4.07 37.13 17.28
CA GLU A 111 4.73 36.78 16.02
C GLU A 111 6.19 36.43 16.27
N MET A 112 6.62 35.29 15.74
CA MET A 112 7.97 34.81 15.90
C MET A 112 8.60 34.61 14.55
N GLU A 113 9.71 35.30 14.30
CA GLU A 113 10.31 35.31 12.97
C GLU A 113 11.64 34.61 13.03
N SER A 114 11.93 33.83 12.01
CA SER A 114 13.23 33.21 11.96
C SER A 114 13.77 33.18 10.54
N GLU A 115 15.08 33.03 10.45
CA GLU A 115 15.78 32.80 9.21
C GLU A 115 16.70 31.64 9.38
N PHE A 116 16.72 30.76 8.39
CA PHE A 116 17.38 29.47 8.53
C PHE A 116 17.81 28.90 7.19
N GLN A 117 18.51 27.78 7.27
CA GLN A 117 18.81 27.01 6.10
C GLN A 117 19.10 25.60 6.52
N GLY A 118 18.90 24.70 5.56
CA GLY A 118 19.20 23.29 5.75
C GLY A 118 19.66 22.63 4.48
N GLU A 119 20.03 21.37 4.58
CA GLU A 119 20.52 20.70 3.40
C GLU A 119 19.35 20.39 2.48
N LEU A 120 19.52 20.66 1.21
CA LEU A 120 18.55 20.18 0.27
C LEU A 120 18.94 18.76 -0.17
N ALA A 121 18.93 17.81 0.78
CA ALA A 121 19.40 16.43 0.54
C ALA A 121 18.56 15.67 -0.46
N ASP A 122 19.09 14.57 -0.99
CA ASP A 122 18.19 13.67 -1.71
C ASP A 122 17.73 12.55 -0.79
N ASP A 123 17.01 12.91 0.27
CA ASP A 123 16.62 11.96 1.29
C ASP A 123 15.11 11.67 1.33
N LEU A 124 14.36 12.22 0.38
CA LEU A 124 12.91 12.08 0.36
C LEU A 124 12.20 12.55 1.64
N ALA A 125 12.74 13.58 2.27
CA ALA A 125 12.26 14.06 3.58
C ALA A 125 12.36 15.58 3.67
N GLY A 126 11.29 16.24 4.08
CA GLY A 126 11.25 17.70 4.17
C GLY A 126 11.27 18.33 2.77
N PHE A 127 11.90 19.49 2.69
CA PHE A 127 12.26 20.13 1.42
C PHE A 127 13.55 19.39 1.04
N TYR A 128 13.54 18.74 -0.13
CA TYR A 128 14.61 17.82 -0.50
C TYR A 128 14.79 17.87 -2.03
N ARG A 129 15.92 17.40 -2.54
CA ARG A 129 16.13 17.44 -3.99
C ARG A 129 15.84 16.09 -4.67
N SER A 130 15.59 16.14 -5.98
CA SER A 130 15.38 14.94 -6.79
C SER A 130 16.14 15.12 -8.08
N GLU A 131 17.09 14.22 -8.31
CA GLU A 131 17.95 14.25 -9.49
C GLU A 131 17.44 13.22 -10.47
N TYR A 132 17.32 13.61 -11.74
CA TYR A 132 16.91 12.65 -12.80
C TYR A 132 17.46 13.01 -14.17
N MET A 133 17.38 12.06 -15.11
CA MET A 133 17.94 12.23 -16.49
C MET A 133 16.99 12.67 -17.63
N GLU A 134 17.26 13.83 -18.23
CA GLU A 134 16.67 14.25 -19.53
C GLU A 134 17.75 14.44 -20.61
N GLY A 135 17.85 13.47 -21.52
CA GLY A 135 18.89 13.47 -22.54
C GLY A 135 20.26 13.30 -21.91
N ASN A 136 21.14 14.28 -22.14
CA ASN A 136 22.49 14.24 -21.61
C ASN A 136 22.63 15.00 -20.31
N VAL A 137 21.52 15.59 -19.86
CA VAL A 137 21.52 16.46 -18.68
C VAL A 137 21.04 15.72 -17.43
N LYS A 138 21.76 15.88 -16.33
CA LYS A 138 21.20 15.57 -15.04
C LYS A 138 20.38 16.79 -14.63
N LYS A 139 19.09 16.57 -14.36
CA LYS A 139 18.23 17.61 -13.80
C LYS A 139 18.04 17.44 -12.28
N VAL A 140 17.93 18.58 -11.60
CA VAL A 140 17.62 18.57 -10.19
C VAL A 140 16.39 19.43 -9.97
N LEU A 141 15.38 18.86 -9.32
CA LEU A 141 14.27 19.69 -8.86
C LEU A 141 14.14 19.70 -7.36
N ALA A 142 13.32 20.62 -6.86
CA ALA A 142 13.06 20.73 -5.42
C ALA A 142 11.62 20.38 -5.12
N THR A 143 11.43 19.61 -4.07
CA THR A 143 10.10 19.15 -3.72
C THR A 143 10.06 18.75 -2.26
N THR A 144 8.87 18.38 -1.78
CA THR A 144 8.62 18.20 -0.33
C THR A 144 7.97 16.86 -0.05
N GLN A 145 8.30 16.27 1.09
CA GLN A 145 7.50 15.19 1.65
C GLN A 145 7.48 15.43 3.17
N MET A 146 6.38 16.02 3.68
CA MET A 146 6.26 16.31 5.11
C MET A 146 5.84 15.09 5.95
N GLN A 147 5.08 14.17 5.36
CA GLN A 147 4.55 13.05 6.11
C GLN A 147 5.62 12.17 6.70
N SER A 148 5.59 11.96 8.01
CA SER A 148 4.66 12.63 8.91
C SER A 148 5.24 13.73 9.79
N THR A 149 6.53 13.65 10.11
CA THR A 149 7.09 14.61 11.04
C THR A 149 8.24 15.33 10.40
N ASP A 150 8.11 15.56 9.08
CA ASP A 150 9.14 16.29 8.36
C ASP A 150 8.87 17.71 7.92
N ALA A 151 7.68 18.25 8.20
CA ALA A 151 7.44 19.70 7.99
C ALA A 151 8.51 20.54 8.74
N ARG A 152 8.86 20.06 9.95
CA ARG A 152 9.84 20.72 10.82
C ARG A 152 11.25 20.69 10.23
N LYS A 153 11.43 19.94 9.15
CA LYS A 153 12.71 19.82 8.51
C LYS A 153 12.83 20.89 7.43
N SER A 154 11.73 21.59 7.14
CA SER A 154 11.78 22.65 6.15
C SER A 154 11.63 24.04 6.73
N PHE A 155 11.01 24.15 7.91
CA PHE A 155 10.81 25.40 8.61
C PHE A 155 10.27 25.14 10.02
N PRO A 156 10.64 25.99 10.98
CA PRO A 156 10.19 25.71 12.36
C PRO A 156 8.69 25.86 12.45
N CYS A 157 8.01 24.84 13.00
CA CYS A 157 6.54 24.90 13.14
C CYS A 157 5.98 24.02 14.26
N PHE A 158 4.72 24.28 14.64
CA PHE A 158 4.05 23.38 15.61
C PHE A 158 3.55 22.16 14.84
N ASP A 159 4.45 21.23 14.70
CA ASP A 159 4.30 20.17 13.73
C ASP A 159 3.52 18.99 14.32
N GLU A 160 2.33 19.26 14.85
CA GLU A 160 1.35 18.19 15.18
C GLU A 160 0.09 18.42 14.37
N PRO A 161 -0.57 17.34 13.93
CA PRO A 161 -1.65 17.42 12.95
C PRO A 161 -2.93 18.14 13.36
N ALA A 162 -3.28 18.11 14.63
CA ALA A 162 -4.41 18.89 15.12
C ALA A 162 -4.08 20.40 15.18
N MET A 163 -2.79 20.75 15.27
CA MET A 163 -2.39 22.17 15.31
C MET A 163 -2.37 22.81 13.93
N LYS A 164 -3.56 23.10 13.46
CA LYS A 164 -3.78 23.61 12.12
C LYS A 164 -3.63 25.13 12.08
N ALA A 165 -3.30 25.63 10.91
CA ALA A 165 -3.18 27.07 10.73
C ALA A 165 -3.34 27.29 9.24
N THR A 166 -3.44 28.57 8.85
CA THR A 166 -3.31 28.96 7.45
C THR A 166 -1.84 29.18 7.12
N PHE A 167 -1.51 28.95 5.84
CA PHE A 167 -0.13 29.08 5.37
C PHE A 167 -0.06 29.96 4.13
N ASN A 168 0.77 31.01 4.21
CA ASN A 168 1.14 31.81 3.06
C ASN A 168 2.56 31.45 2.66
N ILE A 169 2.67 30.79 1.51
CA ILE A 169 3.93 30.28 1.04
C ILE A 169 4.46 31.17 -0.07
N THR A 170 5.75 31.50 -0.01
CA THR A 170 6.46 32.15 -1.11
C THR A 170 7.65 31.24 -1.47
N LEU A 171 7.86 31.08 -2.78
CA LEU A 171 9.01 30.37 -3.29
C LEU A 171 9.83 31.34 -4.09
N ILE A 172 11.15 31.29 -3.89
CA ILE A 172 12.14 32.09 -4.65
C ILE A 172 12.93 31.06 -5.46
N HIS A 173 13.06 31.28 -6.75
CA HIS A 173 13.49 30.18 -7.60
C HIS A 173 14.05 30.68 -8.92
N PRO A 174 14.88 29.85 -9.60
CA PRO A 174 15.42 30.28 -10.89
C PRO A 174 14.26 30.72 -11.74
N ASN A 175 14.45 31.73 -12.57
CA ASN A 175 13.31 32.37 -13.20
C ASN A 175 12.73 31.57 -14.37
N ASN A 176 13.45 30.56 -14.86
CA ASN A 176 12.93 29.72 -15.93
C ASN A 176 12.31 28.40 -15.44
N LEU A 177 12.18 28.26 -14.12
CA LEU A 177 11.55 27.10 -13.53
C LEU A 177 10.17 27.45 -13.03
N THR A 178 9.33 26.43 -12.87
CA THR A 178 7.95 26.61 -12.41
C THR A 178 7.82 26.30 -10.93
N ALA A 179 6.99 27.07 -10.25
CA ALA A 179 6.86 26.99 -8.81
C ALA A 179 5.42 26.61 -8.49
N LEU A 180 5.27 25.57 -7.66
CA LEU A 180 3.94 25.04 -7.32
C LEU A 180 3.81 24.88 -5.81
N SER A 181 2.59 25.07 -5.34
CA SER A 181 2.29 24.81 -3.94
C SER A 181 0.86 24.31 -3.75
N ASN A 182 0.41 24.22 -2.50
CA ASN A 182 -0.91 23.67 -2.24
C ASN A 182 -1.93 24.47 -3.01
N MET A 183 -1.79 25.81 -2.93
CA MET A 183 -2.74 26.79 -3.50
C MET A 183 -2.28 27.35 -4.84
N PRO A 184 -3.16 28.07 -5.59
CA PRO A 184 -2.67 28.73 -6.80
C PRO A 184 -1.76 29.90 -6.48
N PRO A 185 -0.91 30.29 -7.43
CA PRO A 185 -0.13 31.53 -7.23
C PRO A 185 -1.02 32.78 -7.22
N LYS A 186 -0.58 33.83 -6.54
CA LYS A 186 -1.31 35.11 -6.44
C LYS A 186 -1.43 35.84 -7.78
N GLY A 187 -0.40 35.75 -8.60
CA GLY A 187 -0.36 36.45 -9.87
C GLY A 187 0.89 35.96 -10.55
N SER A 188 1.51 36.84 -11.31
CA SER A 188 2.73 36.46 -11.98
C SER A 188 3.91 36.55 -11.04
N SER A 189 4.86 35.64 -11.25
CA SER A 189 6.14 35.71 -10.57
C SER A 189 6.76 37.07 -10.85
N THR A 190 7.62 37.50 -9.95
CA THR A 190 8.29 38.76 -10.09
C THR A 190 9.78 38.56 -9.84
N PRO A 191 10.64 39.42 -10.42
CA PRO A 191 12.09 39.16 -10.27
C PRO A 191 12.57 39.38 -8.86
N LEU A 192 13.51 38.57 -8.40
CA LEU A 192 14.16 38.85 -7.13
C LEU A 192 15.12 40.01 -7.35
N ALA A 193 14.91 41.11 -6.64
CA ALA A 193 15.73 42.36 -6.77
C ALA A 193 17.22 42.23 -6.50
N GLU A 194 17.64 41.43 -5.50
CA GLU A 194 19.08 41.16 -5.27
C GLU A 194 19.75 40.43 -6.42
N ASP A 195 18.94 39.67 -7.19
CA ASP A 195 19.42 38.88 -8.32
C ASP A 195 18.24 38.47 -9.25
N PRO A 196 17.95 39.26 -10.32
CA PRO A 196 16.83 38.96 -11.24
C PRO A 196 16.92 37.64 -12.01
N ASN A 197 18.00 36.89 -11.82
CA ASN A 197 18.05 35.54 -12.37
C ASN A 197 17.07 34.63 -11.66
N TRP A 198 16.64 35.08 -10.48
CA TRP A 198 15.69 34.41 -9.61
C TRP A 198 14.32 35.09 -9.69
N SER A 199 13.26 34.30 -9.48
CA SER A 199 11.92 34.87 -9.42
C SER A 199 11.20 34.59 -8.10
N VAL A 200 10.13 35.32 -7.85
CA VAL A 200 9.38 35.22 -6.63
C VAL A 200 7.94 34.88 -6.93
N THR A 201 7.50 33.69 -6.54
CA THR A 201 6.10 33.31 -6.71
C THR A 201 5.43 33.26 -5.36
N GLU A 202 4.43 34.11 -5.17
CA GLU A 202 3.58 34.05 -3.97
C GLU A 202 2.34 33.22 -4.26
N PHE A 203 1.91 32.44 -3.26
CA PHE A 203 0.74 31.64 -3.41
C PHE A 203 -0.35 32.20 -2.52
N GLU A 204 -1.61 31.94 -2.90
CA GLU A 204 -2.77 32.30 -2.07
C GLU A 204 -2.72 31.61 -0.69
N THR A 205 -3.28 32.26 0.32
CA THR A 205 -3.42 31.64 1.62
C THR A 205 -4.09 30.26 1.55
N THR A 206 -3.48 29.24 2.17
CA THR A 206 -4.13 27.92 2.29
C THR A 206 -5.33 28.03 3.22
N PRO A 207 -6.27 27.04 3.15
CA PRO A 207 -7.23 26.92 4.25
C PRO A 207 -6.52 26.54 5.56
N VAL A 208 -7.20 26.67 6.71
CA VAL A 208 -6.73 26.10 7.99
C VAL A 208 -6.35 24.62 7.74
N MET A 209 -5.11 24.24 8.05
CA MET A 209 -4.67 22.88 7.64
C MET A 209 -3.53 22.37 8.48
N SER A 210 -3.21 21.10 8.27
CA SER A 210 -2.15 20.49 9.02
C SER A 210 -0.80 20.69 8.30
N THR A 211 0.24 20.97 9.10
CA THR A 211 1.60 21.05 8.55
C THR A 211 2.02 19.84 7.70
N TYR A 212 1.54 18.64 8.04
CA TYR A 212 2.03 17.45 7.29
C TYR A 212 1.50 17.41 5.87
N LEU A 213 0.53 18.26 5.54
CA LEU A 213 -0.10 18.24 4.19
C LEU A 213 0.43 19.37 3.31
N LEU A 214 1.37 20.13 3.83
CA LEU A 214 2.00 21.18 3.04
C LEU A 214 2.85 20.57 1.92
N ALA A 215 2.99 21.33 0.82
CA ALA A 215 3.88 20.93 -0.30
C ALA A 215 4.28 22.10 -1.18
N TYR A 216 5.52 22.08 -1.63
CA TYR A 216 5.97 23.13 -2.57
C TYR A 216 7.02 22.51 -3.45
N ILE A 217 6.96 22.87 -4.74
CA ILE A 217 7.80 22.23 -5.74
C ILE A 217 8.31 23.18 -6.78
N VAL A 218 9.60 23.08 -7.07
CA VAL A 218 10.21 23.92 -8.10
C VAL A 218 10.91 23.03 -9.11
N SER A 219 10.39 23.04 -10.33
CA SER A 219 10.91 22.17 -11.38
C SER A 219 10.75 22.73 -12.80
N GLU A 220 11.25 21.97 -13.76
CA GLU A 220 11.00 22.27 -15.18
C GLU A 220 9.71 21.61 -15.68
N PHE A 221 8.97 20.90 -14.83
CA PHE A 221 7.81 20.10 -15.26
C PHE A 221 6.76 20.86 -16.06
N GLN A 222 6.08 20.15 -16.95
CA GLN A 222 4.91 20.70 -17.67
C GLN A 222 3.64 19.93 -17.29
N SER A 223 2.50 20.36 -17.85
CA SER A 223 1.21 19.78 -17.45
C SER A 223 0.17 19.62 -18.56
N VAL A 224 -0.75 18.66 -18.37
CA VAL A 224 -1.99 18.64 -19.16
C VAL A 224 -3.13 19.14 -18.27
N ASN A 225 -4.03 19.95 -18.81
CA ASN A 225 -5.03 20.62 -17.98
C ASN A 225 -6.44 20.28 -18.41
N GLU A 226 -7.34 20.25 -17.44
CA GLU A 226 -8.75 20.28 -17.72
C GLU A 226 -9.41 21.18 -16.69
N THR A 227 -10.34 22.02 -17.14
CA THR A 227 -11.14 22.77 -16.19
C THR A 227 -12.41 21.97 -16.01
N ALA A 228 -12.66 21.37 -14.85
CA ALA A 228 -13.98 20.78 -14.59
C ALA A 228 -15.02 21.92 -14.61
N GLN A 229 -16.30 21.55 -14.56
CA GLN A 229 -17.40 22.49 -14.90
C GLN A 229 -17.74 23.53 -13.83
N ASN A 230 -17.50 23.16 -12.58
CA ASN A 230 -17.64 24.08 -11.45
C ASN A 230 -16.52 25.14 -11.41
N GLY A 231 -15.43 24.87 -12.12
CA GLY A 231 -14.36 25.87 -12.30
C GLY A 231 -13.03 25.36 -11.80
N VAL A 232 -13.06 24.19 -11.15
CA VAL A 232 -11.88 23.57 -10.53
C VAL A 232 -10.85 23.22 -11.59
N LEU A 233 -9.73 23.94 -11.59
CA LEU A 233 -8.68 23.57 -12.50
C LEU A 233 -8.02 22.24 -12.05
N ILE A 234 -7.75 21.37 -13.00
CA ILE A 234 -7.09 20.11 -12.72
C ILE A 234 -5.91 20.01 -13.64
N ARG A 235 -4.72 19.81 -13.08
CA ARG A 235 -3.56 19.55 -13.90
C ARG A 235 -2.86 18.29 -13.50
N ILE A 236 -2.21 17.71 -14.50
CA ILE A 236 -1.30 16.61 -14.30
C ILE A 236 0.12 17.11 -14.69
N TRP A 237 1.05 17.06 -13.74
CA TRP A 237 2.39 17.54 -13.98
C TRP A 237 3.35 16.37 -14.09
N ALA A 238 4.26 16.45 -15.05
CA ALA A 238 5.30 15.44 -15.19
C ALA A 238 6.47 16.01 -15.94
N ARG A 239 7.58 15.27 -15.97
CA ARG A 239 8.69 15.55 -16.89
C ARG A 239 8.17 15.99 -18.26
N PRO A 240 8.80 17.03 -18.86
CA PRO A 240 8.43 17.49 -20.21
C PRO A 240 8.32 16.33 -21.20
N ASN A 241 9.34 15.48 -21.30
CA ASN A 241 9.26 14.39 -22.28
C ASN A 241 8.03 13.52 -22.05
N ALA A 242 7.73 13.23 -20.77
CA ALA A 242 6.64 12.33 -20.43
C ALA A 242 5.31 12.91 -20.84
N ILE A 243 5.13 14.21 -20.62
CA ILE A 243 3.91 14.90 -21.02
C ILE A 243 3.77 14.88 -22.53
N ALA A 244 4.89 15.00 -23.20
CA ALA A 244 4.92 15.07 -24.64
C ALA A 244 4.57 13.70 -25.28
N GLU A 245 4.77 12.61 -24.53
CA GLU A 245 4.37 11.28 -24.99
C GLU A 245 2.90 10.98 -24.66
N GLY A 246 2.20 11.92 -24.03
CA GLY A 246 0.81 11.70 -23.65
C GLY A 246 0.56 10.75 -22.46
N HIS A 247 1.63 10.46 -21.68
CA HIS A 247 1.53 9.57 -20.51
C HIS A 247 0.70 10.13 -19.34
N GLY A 248 0.41 11.43 -19.39
CA GLY A 248 -0.48 12.07 -18.43
C GLY A 248 -1.96 11.94 -18.77
N MET A 249 -2.31 11.35 -19.90
CA MET A 249 -3.72 11.40 -20.32
C MET A 249 -4.69 10.58 -19.50
N TYR A 250 -4.31 9.38 -19.11
CA TYR A 250 -5.25 8.56 -18.36
C TYR A 250 -5.58 9.24 -17.01
N ALA A 251 -4.58 9.83 -16.36
CA ALA A 251 -4.79 10.44 -15.06
C ALA A 251 -5.74 11.60 -15.21
N LEU A 252 -5.50 12.46 -16.20
CA LEU A 252 -6.42 13.56 -16.54
C LEU A 252 -7.86 13.07 -16.82
N ASN A 253 -7.97 11.97 -17.53
CA ASN A 253 -9.26 11.38 -17.85
C ASN A 253 -10.04 11.03 -16.59
N VAL A 254 -9.38 10.45 -15.59
CA VAL A 254 -10.08 9.92 -14.39
C VAL A 254 -10.27 10.94 -13.25
N THR A 255 -9.41 11.94 -13.21
CA THR A 255 -9.37 12.80 -12.02
C THR A 255 -10.65 13.59 -11.78
N GLY A 256 -11.17 14.21 -12.83
CA GLY A 256 -12.39 15.01 -12.72
C GLY A 256 -13.55 14.15 -12.25
N PRO A 257 -13.80 13.05 -12.96
CA PRO A 257 -14.79 12.09 -12.50
C PRO A 257 -14.64 11.69 -11.01
N ILE A 258 -13.45 11.32 -10.59
CA ILE A 258 -13.26 10.82 -9.21
C ILE A 258 -13.59 11.92 -8.21
N LEU A 259 -13.18 13.15 -8.56
CA LEU A 259 -13.44 14.30 -7.71
C LEU A 259 -14.91 14.56 -7.58
N ASN A 260 -15.65 14.53 -8.69
CA ASN A 260 -17.09 14.70 -8.64
C ASN A 260 -17.75 13.61 -7.84
N PHE A 261 -17.25 12.39 -7.98
CA PHE A 261 -17.81 11.31 -7.23
C PHE A 261 -17.66 11.61 -5.74
N PHE A 262 -16.44 11.92 -5.29
CA PHE A 262 -16.28 12.09 -3.85
C PHE A 262 -17.09 13.29 -3.41
N ALA A 263 -17.15 14.35 -4.21
CA ALA A 263 -17.96 15.51 -3.79
C ALA A 263 -19.43 15.13 -3.53
N ASN A 264 -19.98 14.25 -4.35
CA ASN A 264 -21.32 13.77 -4.10
C ASN A 264 -21.33 12.77 -2.97
N HIS A 265 -20.59 11.67 -3.11
CA HIS A 265 -20.53 10.66 -2.06
C HIS A 265 -20.48 11.32 -0.69
N TYR A 266 -19.53 12.24 -0.51
CA TYR A 266 -19.34 12.88 0.76
C TYR A 266 -20.38 13.94 1.03
N ASN A 267 -21.16 14.32 0.03
CA ASN A 267 -22.04 15.46 0.21
C ASN A 267 -21.31 16.79 0.65
N THR A 268 -20.15 17.07 0.06
CA THR A 268 -19.27 18.17 0.48
C THR A 268 -18.45 18.63 -0.72
N SER A 269 -18.41 19.93 -0.96
CA SER A 269 -17.65 20.45 -2.10
C SER A 269 -16.15 20.17 -1.92
N TYR A 270 -15.43 19.95 -3.01
CA TYR A 270 -13.98 19.94 -2.93
C TYR A 270 -13.61 21.32 -2.44
N PRO A 271 -12.85 21.42 -1.34
CA PRO A 271 -12.58 22.68 -0.66
C PRO A 271 -11.47 23.57 -1.26
N LEU A 272 -10.92 23.19 -2.41
CA LEU A 272 -9.85 23.97 -3.04
C LEU A 272 -10.22 24.51 -4.44
N PRO A 273 -9.51 25.57 -4.89
CA PRO A 273 -9.79 26.11 -6.21
C PRO A 273 -9.23 25.28 -7.35
N LYS A 274 -8.24 24.45 -7.07
CA LYS A 274 -7.58 23.62 -8.09
C LYS A 274 -7.03 22.37 -7.43
N SER A 275 -6.66 21.40 -8.26
CA SER A 275 -6.05 20.18 -7.81
C SER A 275 -4.89 19.87 -8.73
N ASP A 276 -3.67 19.90 -8.20
CA ASP A 276 -2.51 19.44 -8.96
C ASP A 276 -2.11 18.05 -8.54
N GLN A 277 -1.58 17.32 -9.52
CA GLN A 277 -1.10 15.96 -9.31
C GLN A 277 0.19 15.84 -10.09
N ILE A 278 1.26 15.49 -9.41
CA ILE A 278 2.54 15.58 -10.03
C ILE A 278 3.30 14.27 -9.92
N ALA A 279 3.86 13.83 -11.06
CA ALA A 279 4.59 12.56 -11.20
C ALA A 279 6.09 12.74 -11.00
N LEU A 280 6.63 12.20 -9.92
CA LEU A 280 8.01 12.42 -9.55
C LEU A 280 8.84 11.17 -9.85
N PRO A 281 10.03 11.35 -10.42
CA PRO A 281 10.83 10.14 -10.62
C PRO A 281 11.40 9.63 -9.30
N ASP A 282 11.26 8.33 -9.08
CA ASP A 282 11.80 7.61 -7.90
C ASP A 282 11.32 8.15 -6.58
N PHE A 283 10.04 8.48 -6.53
CA PHE A 283 9.41 8.85 -5.30
C PHE A 283 9.05 7.55 -4.57
N ASN A 284 9.91 7.17 -3.62
CA ASN A 284 9.80 5.90 -2.92
C ASN A 284 8.69 5.85 -1.89
N ALA A 285 8.17 7.02 -1.52
CA ALA A 285 6.98 7.08 -0.67
C ALA A 285 5.71 6.56 -1.38
N GLY A 286 5.74 6.45 -2.71
CA GLY A 286 4.59 5.97 -3.50
C GLY A 286 3.60 7.04 -3.96
N ALA A 287 2.90 7.65 -2.99
CA ALA A 287 2.02 8.80 -3.25
C ALA A 287 1.68 9.49 -1.96
N MET A 288 1.41 10.79 -2.03
CA MET A 288 1.18 11.57 -0.80
C MET A 288 0.10 12.64 -1.02
N GLU A 289 -0.93 12.61 -0.17
CA GLU A 289 -2.14 13.32 -0.43
C GLU A 289 -2.12 14.85 -0.15
N ASN A 290 -0.96 15.50 -0.32
CA ASN A 290 -0.79 16.92 0.06
C ASN A 290 -1.93 17.73 -0.54
N TRP A 291 -2.54 18.58 0.28
CA TRP A 291 -3.81 19.24 -0.07
C TRP A 291 -3.70 20.19 -1.24
N GLY A 292 -4.16 19.76 -2.42
CA GLY A 292 -4.12 20.57 -3.65
C GLY A 292 -2.85 20.32 -4.47
N LEU A 293 -1.97 19.46 -3.96
CA LEU A 293 -0.77 19.14 -4.71
C LEU A 293 -0.31 17.73 -4.31
N VAL A 294 -0.93 16.75 -4.93
CA VAL A 294 -0.65 15.41 -4.57
C VAL A 294 0.54 14.90 -5.37
N THR A 295 1.47 14.24 -4.68
CA THR A 295 2.67 13.72 -5.33
C THR A 295 2.59 12.20 -5.49
N TYR A 296 3.08 11.74 -6.65
CA TYR A 296 3.09 10.34 -7.05
C TYR A 296 4.45 9.98 -7.59
N ARG A 297 4.87 8.73 -7.42
CA ARG A 297 5.95 8.21 -8.24
C ARG A 297 5.42 8.02 -9.66
N GLU A 298 6.27 8.25 -10.65
CA GLU A 298 5.86 8.18 -12.04
C GLU A 298 5.06 6.96 -12.44
N ASN A 299 5.59 5.76 -12.14
CA ASN A 299 4.86 4.52 -12.44
C ASN A 299 3.45 4.49 -11.83
N ALA A 300 3.21 5.29 -10.80
CA ALA A 300 1.91 5.34 -10.15
C ALA A 300 0.89 6.29 -10.79
N LEU A 301 1.35 7.28 -11.53
CA LEU A 301 0.41 8.30 -12.04
C LEU A 301 0.36 8.32 -13.56
N LEU A 302 1.50 8.02 -14.19
CA LEU A 302 1.63 8.04 -15.65
C LEU A 302 1.23 6.71 -16.26
N PHE A 303 0.80 6.71 -17.51
CA PHE A 303 0.38 5.47 -18.10
C PHE A 303 0.66 5.52 -19.59
N ASP A 304 1.33 4.50 -20.10
CA ASP A 304 1.54 4.33 -21.55
C ASP A 304 0.68 3.21 -22.12
N PRO A 305 -0.32 3.58 -22.94
CA PRO A 305 -1.21 2.59 -23.56
C PRO A 305 -0.46 1.54 -24.37
N GLN A 306 0.67 1.94 -24.96
CA GLN A 306 1.44 1.10 -25.88
C GLN A 306 2.17 -0.06 -25.22
N SER A 307 2.60 0.15 -23.97
CA SER A 307 3.41 -0.83 -23.27
C SER A 307 2.81 -1.31 -21.93
N SER A 308 1.98 -0.48 -21.29
CA SER A 308 1.45 -0.80 -19.96
C SER A 308 0.31 -1.84 -20.00
N SER A 309 0.27 -2.72 -18.97
CA SER A 309 -0.76 -3.75 -18.90
C SER A 309 -2.01 -3.20 -18.25
N ILE A 310 -3.04 -4.03 -18.10
CA ILE A 310 -4.31 -3.59 -17.53
C ILE A 310 -4.16 -3.43 -16.01
N SER A 311 -3.32 -4.24 -15.41
CA SER A 311 -3.09 -4.11 -13.99
C SER A 311 -2.36 -2.79 -13.67
N ASN A 312 -1.65 -2.24 -14.65
CA ASN A 312 -1.07 -0.89 -14.50
C ASN A 312 -2.13 0.19 -14.49
N LYS A 313 -3.15 -0.01 -15.32
CA LYS A 313 -4.22 0.95 -15.45
C LYS A 313 -4.93 0.96 -14.12
N GLU A 314 -5.19 -0.24 -13.61
CA GLU A 314 -5.87 -0.37 -12.33
C GLU A 314 -5.11 0.31 -11.17
N ARG A 315 -3.78 0.19 -11.20
CA ARG A 315 -2.95 0.83 -10.20
C ARG A 315 -3.10 2.35 -10.29
N VAL A 316 -3.05 2.91 -11.50
CA VAL A 316 -3.22 4.34 -11.68
C VAL A 316 -4.57 4.84 -11.15
N VAL A 317 -5.65 4.23 -11.63
CA VAL A 317 -6.96 4.71 -11.23
C VAL A 317 -7.19 4.56 -9.72
N THR A 318 -6.79 3.44 -9.12
CA THR A 318 -6.97 3.25 -7.67
C THR A 318 -6.08 4.16 -6.81
N VAL A 319 -4.84 4.39 -7.25
CA VAL A 319 -3.93 5.28 -6.49
C VAL A 319 -4.47 6.71 -6.48
N ILE A 320 -4.90 7.20 -7.64
CA ILE A 320 -5.57 8.51 -7.69
C ILE A 320 -6.78 8.55 -6.75
N ALA A 321 -7.66 7.55 -6.90
CA ALA A 321 -8.87 7.53 -6.11
C ALA A 321 -8.49 7.59 -4.64
N HIS A 322 -7.42 6.89 -4.26
CA HIS A 322 -6.99 6.87 -2.85
C HIS A 322 -6.59 8.27 -2.34
N GLU A 323 -5.70 8.91 -3.08
CA GLU A 323 -5.16 10.18 -2.65
C GLU A 323 -6.25 11.21 -2.70
N LEU A 324 -7.15 11.12 -3.70
CA LEU A 324 -8.22 12.10 -3.83
C LEU A 324 -9.19 11.97 -2.66
N ALA A 325 -9.39 10.73 -2.21
CA ALA A 325 -10.27 10.46 -1.07
C ALA A 325 -9.85 11.24 0.18
N HIS A 326 -8.54 11.44 0.34
CA HIS A 326 -8.00 12.16 1.49
C HIS A 326 -8.34 13.64 1.46
N GLN A 327 -8.58 14.20 0.27
CA GLN A 327 -8.85 15.63 0.16
C GLN A 327 -10.03 16.06 1.03
N TRP A 328 -10.84 15.08 1.41
CA TRP A 328 -11.93 15.31 2.35
C TRP A 328 -11.59 14.58 3.61
N PHE A 329 -11.39 13.26 3.48
CA PHE A 329 -11.19 12.45 4.64
C PHE A 329 -9.71 12.37 4.97
N GLY A 330 -9.29 13.12 5.99
CA GLY A 330 -7.90 13.22 6.36
C GLY A 330 -7.39 14.65 6.27
N ASN A 331 -7.69 15.34 5.15
CA ASN A 331 -7.29 16.76 4.95
C ASN A 331 -8.28 17.80 5.46
N LEU A 332 -9.52 17.75 4.98
CA LEU A 332 -10.55 18.59 5.52
C LEU A 332 -10.89 18.28 7.01
N VAL A 333 -11.05 17.00 7.33
CA VAL A 333 -11.20 16.55 8.72
C VAL A 333 -10.04 15.61 8.97
N THR A 334 -9.30 15.89 10.03
CA THR A 334 -8.00 15.29 10.27
C THR A 334 -8.00 14.59 11.63
N LEU A 335 -7.48 13.37 11.67
CA LEU A 335 -7.38 12.68 12.96
C LEU A 335 -6.43 13.44 13.86
N ALA A 336 -6.81 13.57 15.13
CA ALA A 336 -6.11 14.38 16.11
C ALA A 336 -4.70 13.93 16.38
N TRP A 337 -4.46 12.63 16.23
CA TRP A 337 -3.18 12.06 16.55
C TRP A 337 -2.92 10.75 15.83
N TRP A 338 -1.65 10.40 15.69
CA TRP A 338 -1.27 9.32 14.80
C TRP A 338 -1.77 7.95 15.22
N ASN A 339 -2.18 7.81 16.49
CA ASN A 339 -2.76 6.53 16.98
C ASN A 339 -4.04 6.15 16.24
N ASP A 340 -4.73 7.17 15.70
CA ASP A 340 -5.90 6.96 14.85
C ASP A 340 -5.57 7.02 13.37
N LEU A 341 -4.29 6.91 13.00
CA LEU A 341 -3.93 6.85 11.57
C LEU A 341 -4.84 5.88 10.82
N TRP A 342 -5.10 4.71 11.44
CA TRP A 342 -5.82 3.62 10.77
C TRP A 342 -7.09 4.13 10.16
N LEU A 343 -7.75 5.05 10.86
CA LEU A 343 -9.03 5.57 10.42
C LEU A 343 -8.84 6.20 9.04
N ASN A 344 -8.08 7.28 9.02
CA ASN A 344 -7.69 7.98 7.81
C ASN A 344 -7.22 7.06 6.68
N GLU A 345 -6.22 6.24 6.94
CA GLU A 345 -5.72 5.37 5.84
C GLU A 345 -6.61 4.17 5.54
N GLY A 346 -7.33 3.70 6.55
CA GLY A 346 -8.25 2.58 6.34
C GLY A 346 -9.35 3.09 5.45
N PHE A 347 -9.85 4.28 5.80
CA PHE A 347 -10.92 4.88 5.06
C PHE A 347 -10.59 5.09 3.58
N ALA A 348 -9.46 5.74 3.30
CA ALA A 348 -9.00 5.92 1.93
C ALA A 348 -8.78 4.59 1.24
N SER A 349 -8.23 3.60 1.95
CA SER A 349 -8.09 2.25 1.36
C SER A 349 -9.40 1.60 0.94
N TYR A 350 -10.47 1.98 1.62
CA TYR A 350 -11.77 1.48 1.24
C TYR A 350 -12.33 2.29 0.08
N VAL A 351 -12.46 3.60 0.25
CA VAL A 351 -13.17 4.42 -0.74
C VAL A 351 -12.43 4.57 -2.07
N GLU A 352 -11.11 4.33 -2.06
CA GLU A 352 -10.38 4.24 -3.33
C GLU A 352 -11.17 3.37 -4.35
N TYR A 353 -11.60 2.18 -3.91
CA TYR A 353 -12.42 1.28 -4.73
C TYR A 353 -13.71 1.95 -5.27
N LEU A 354 -14.42 2.69 -4.41
CA LEU A 354 -15.64 3.40 -4.80
C LEU A 354 -15.33 4.48 -5.83
N GLY A 355 -14.29 5.26 -5.58
CA GLY A 355 -13.88 6.32 -6.50
C GLY A 355 -13.48 5.79 -7.87
N ALA A 356 -12.67 4.73 -7.86
CA ALA A 356 -12.15 4.16 -9.08
C ALA A 356 -13.27 3.52 -9.87
N ASP A 357 -14.24 2.98 -9.15
CA ASP A 357 -15.37 2.28 -9.76
C ASP A 357 -16.22 3.26 -10.50
N HIS A 358 -16.46 4.42 -9.92
CA HIS A 358 -17.05 5.51 -10.69
C HIS A 358 -16.32 5.86 -12.01
N ALA A 359 -14.99 5.90 -11.98
CA ALA A 359 -14.23 6.25 -13.17
C ALA A 359 -14.21 5.15 -14.20
N GLU A 360 -14.36 3.90 -13.73
CA GLU A 360 -14.25 2.71 -14.55
C GLU A 360 -15.40 1.76 -14.18
N PRO A 361 -16.64 2.18 -14.48
CA PRO A 361 -17.78 1.47 -13.94
C PRO A 361 -17.99 0.06 -14.49
N THR A 362 -17.35 -0.27 -15.61
CA THR A 362 -17.53 -1.61 -16.18
C THR A 362 -16.56 -2.63 -15.58
N TRP A 363 -15.65 -2.19 -14.74
CA TRP A 363 -14.58 -3.05 -14.28
C TRP A 363 -14.91 -3.86 -13.04
N ASN A 364 -15.94 -3.49 -12.29
CA ASN A 364 -16.24 -4.24 -11.07
C ASN A 364 -15.13 -4.16 -10.00
N LEU A 365 -14.47 -3.01 -9.89
CA LEU A 365 -13.32 -2.88 -9.01
C LEU A 365 -13.62 -3.16 -7.57
N LYS A 366 -14.85 -2.92 -7.12
CA LYS A 366 -15.12 -3.08 -5.68
C LYS A 366 -14.77 -4.48 -5.17
N ASP A 367 -14.90 -5.47 -6.06
CA ASP A 367 -14.53 -6.87 -5.78
C ASP A 367 -13.07 -7.06 -5.29
N LEU A 368 -12.16 -6.25 -5.80
CA LEU A 368 -10.75 -6.46 -5.60
C LEU A 368 -10.30 -6.23 -4.16
N ILE A 369 -11.14 -5.61 -3.36
CA ILE A 369 -10.82 -5.39 -1.94
C ILE A 369 -10.66 -6.71 -1.17
N VAL A 370 -11.35 -7.75 -1.62
CA VAL A 370 -11.32 -9.01 -0.92
C VAL A 370 -9.94 -9.70 -1.06
N PRO A 371 -9.50 -10.01 -2.31
CA PRO A 371 -8.15 -10.56 -2.45
C PRO A 371 -7.08 -9.53 -2.07
N GLY A 372 -7.33 -8.27 -2.40
CA GLY A 372 -6.32 -7.20 -2.26
C GLY A 372 -6.11 -6.63 -0.87
N ASP A 373 -7.13 -6.70 -0.02
CA ASP A 373 -7.01 -6.17 1.32
C ASP A 373 -7.38 -7.17 2.43
N VAL A 374 -8.58 -7.75 2.35
CA VAL A 374 -9.13 -8.65 3.36
C VAL A 374 -8.22 -9.87 3.59
N TYR A 375 -8.09 -10.72 2.57
CA TYR A 375 -7.24 -11.93 2.69
C TYR A 375 -5.76 -11.65 2.86
N ARG A 376 -5.32 -10.55 2.28
CA ARG A 376 -3.96 -10.08 2.46
C ARG A 376 -3.71 -9.81 3.94
N VAL A 377 -4.56 -8.99 4.57
CA VAL A 377 -4.34 -8.62 5.97
C VAL A 377 -4.64 -9.76 6.94
N MET A 378 -5.62 -10.60 6.61
CA MET A 378 -5.91 -11.74 7.47
C MET A 378 -4.69 -12.62 7.63
N ALA A 379 -3.82 -12.68 6.62
CA ALA A 379 -2.61 -13.49 6.77
C ALA A 379 -1.75 -13.03 7.95
N VAL A 380 -1.71 -11.71 8.23
CA VAL A 380 -0.95 -11.21 9.40
C VAL A 380 -1.84 -10.98 10.62
N ASP A 381 -3.14 -10.79 10.43
CA ASP A 381 -4.04 -10.61 11.59
C ASP A 381 -4.40 -11.93 12.28
N ALA A 382 -4.13 -13.05 11.59
CA ALA A 382 -4.27 -14.40 12.13
C ALA A 382 -2.98 -14.88 12.80
N LEU A 383 -2.26 -13.93 13.41
CA LEU A 383 -1.00 -14.20 14.11
C LEU A 383 -1.04 -13.68 15.53
N ALA A 384 -0.38 -14.41 16.43
CA ALA A 384 -0.23 -13.95 17.81
C ALA A 384 0.47 -12.60 17.92
N SER A 385 1.34 -12.30 16.96
CA SER A 385 2.13 -11.07 16.94
C SER A 385 1.41 -9.83 16.36
N SER A 386 0.12 -9.95 16.04
CA SER A 386 -0.61 -8.81 15.46
C SER A 386 -0.89 -7.73 16.51
N HIS A 387 -1.69 -6.73 16.16
CA HIS A 387 -2.05 -5.65 17.08
C HIS A 387 -3.38 -5.01 16.70
N PRO A 388 -4.09 -4.41 17.69
CA PRO A 388 -5.33 -3.68 17.41
C PRO A 388 -5.18 -2.54 16.40
N LEU A 389 -6.30 -2.20 15.74
CA LEU A 389 -6.37 -1.00 14.93
C LEU A 389 -6.04 0.20 15.80
N THR A 390 -6.68 0.26 16.96
CA THR A 390 -6.47 1.32 17.93
C THR A 390 -5.21 1.06 18.74
N THR A 391 -4.48 2.12 19.04
CA THR A 391 -3.34 2.06 19.92
C THR A 391 -3.56 3.20 20.87
N PRO A 392 -3.19 3.04 22.14
CA PRO A 392 -3.48 4.19 22.98
C PRO A 392 -2.64 5.40 22.55
N ALA A 393 -3.26 6.58 22.46
CA ALA A 393 -2.55 7.79 22.03
C ALA A 393 -1.28 8.03 22.87
N GLU A 394 -1.34 7.70 24.16
CA GLU A 394 -0.20 7.96 25.04
C GLU A 394 0.99 7.02 24.82
N GLU A 395 0.84 6.04 23.93
CA GLU A 395 1.94 5.10 23.59
C GLU A 395 2.59 5.40 22.24
N VAL A 396 2.06 6.39 21.52
CA VAL A 396 2.67 6.84 20.25
C VAL A 396 3.22 8.26 20.40
N ASN A 397 4.54 8.38 20.48
CA ASN A 397 5.14 9.65 20.81
C ASN A 397 6.29 10.05 19.94
N THR A 398 7.13 9.09 19.58
CA THR A 398 8.34 9.41 18.84
C THR A 398 8.06 9.32 17.34
N PRO A 399 8.84 10.06 16.52
CA PRO A 399 8.70 9.92 15.09
C PRO A 399 8.73 8.47 14.64
N ALA A 400 9.54 7.62 15.25
CA ALA A 400 9.58 6.23 14.79
C ALA A 400 8.31 5.48 15.22
N GLN A 401 7.77 5.82 16.40
CA GLN A 401 6.52 5.19 16.85
C GLN A 401 5.39 5.59 15.92
N ILE A 402 5.48 6.81 15.39
CA ILE A 402 4.47 7.33 14.49
C ILE A 402 4.51 6.57 13.17
N SER A 403 5.71 6.33 12.69
CA SER A 403 5.94 5.60 11.47
C SER A 403 5.46 4.18 11.53
N GLU A 404 5.52 3.57 12.71
CA GLU A 404 5.04 2.21 12.90
C GLU A 404 3.54 2.06 12.66
N MET A 405 2.81 3.18 12.70
CA MET A 405 1.35 3.21 12.49
C MET A 405 1.01 2.91 11.03
N PHE A 406 1.97 3.10 10.17
CA PHE A 406 1.73 2.96 8.75
C PHE A 406 1.95 1.53 8.27
N ASP A 407 1.03 0.62 8.59
CA ASP A 407 1.19 -0.79 8.18
C ASP A 407 -0.09 -1.47 7.66
N SER A 408 0.04 -2.76 7.41
CA SER A 408 -0.99 -3.56 6.82
C SER A 408 -2.29 -3.53 7.64
N ILE A 409 -2.17 -3.53 8.97
CA ILE A 409 -3.33 -3.50 9.83
C ILE A 409 -4.08 -2.20 9.54
N SER A 410 -3.34 -1.10 9.69
CA SER A 410 -3.91 0.23 9.59
C SER A 410 -4.55 0.46 8.24
N TYR A 411 -3.90 0.05 7.16
CA TYR A 411 -4.47 0.22 5.80
C TYR A 411 -5.54 -0.82 5.47
N SER A 412 -5.12 -2.09 5.48
CA SER A 412 -5.96 -3.15 4.98
C SER A 412 -7.05 -3.64 5.92
N LYS A 413 -6.76 -3.79 7.21
CA LYS A 413 -7.83 -4.17 8.13
C LYS A 413 -8.73 -2.97 8.23
N GLY A 414 -8.12 -1.78 8.25
CA GLY A 414 -8.88 -0.55 8.34
C GLY A 414 -9.93 -0.48 7.25
N ALA A 415 -9.49 -0.71 6.01
CA ALA A 415 -10.41 -0.78 4.89
C ALA A 415 -11.41 -1.93 5.09
N SER A 416 -10.91 -3.11 5.49
CA SER A 416 -11.82 -4.22 5.68
C SER A 416 -12.89 -3.93 6.75
N VAL A 417 -12.52 -3.40 7.92
CA VAL A 417 -13.58 -3.13 8.92
C VAL A 417 -14.53 -1.97 8.53
N ILE A 418 -14.01 -0.91 7.93
CA ILE A 418 -14.91 0.13 7.40
C ILE A 418 -15.87 -0.42 6.31
N ARG A 419 -15.37 -1.22 5.39
CA ARG A 419 -16.27 -1.86 4.45
C ARG A 419 -17.40 -2.67 5.13
N MET A 420 -17.07 -3.34 6.24
CA MET A 420 -18.04 -4.16 6.94
C MET A 420 -19.08 -3.25 7.61
N LEU A 421 -18.56 -2.21 8.27
CA LEU A 421 -19.40 -1.17 8.88
C LEU A 421 -20.40 -0.61 7.90
N SER A 422 -19.96 -0.30 6.69
CA SER A 422 -20.79 0.27 5.67
C SER A 422 -21.88 -0.71 5.24
N ASN A 423 -21.51 -1.98 5.09
CA ASN A 423 -22.48 -2.98 4.66
C ASN A 423 -23.56 -3.31 5.68
N PHE A 424 -23.23 -3.27 6.97
CA PHE A 424 -24.28 -3.54 7.94
C PHE A 424 -25.19 -2.37 8.24
N LEU A 425 -24.70 -1.18 7.95
CA LEU A 425 -25.51 0.03 8.00
C LEU A 425 -26.26 0.30 6.69
N THR A 426 -25.86 -0.35 5.59
CA THR A 426 -26.18 0.15 4.23
C THR A 426 -25.42 1.46 3.89
N GLU A 427 -25.02 1.56 2.63
CA GLU A 427 -24.19 2.66 2.21
C GLU A 427 -24.86 4.02 2.40
N ASP A 428 -26.15 4.11 2.11
CA ASP A 428 -26.87 5.36 2.24
C ASP A 428 -26.82 5.88 3.66
N LEU A 429 -26.96 4.96 4.61
CA LEU A 429 -26.95 5.33 6.02
C LEU A 429 -25.54 5.79 6.41
N PHE A 430 -24.56 4.97 6.03
CA PHE A 430 -23.17 5.27 6.25
C PHE A 430 -22.82 6.67 5.73
N LYS A 431 -23.21 6.96 4.48
CA LYS A 431 -22.95 8.26 3.85
C LYS A 431 -23.58 9.37 4.65
N GLU A 432 -24.78 9.14 5.19
CA GLU A 432 -25.44 10.18 5.97
C GLU A 432 -24.55 10.54 7.15
N GLY A 433 -24.17 9.54 7.96
CA GLY A 433 -23.32 9.80 9.13
C GLY A 433 -21.98 10.42 8.76
N LEU A 434 -21.43 9.94 7.65
CA LEU A 434 -20.15 10.40 7.17
C LEU A 434 -20.21 11.88 6.73
N ALA A 435 -21.30 12.26 6.06
CA ALA A 435 -21.54 13.68 5.69
C ALA A 435 -21.68 14.57 6.92
N SER A 436 -22.28 14.00 7.94
CA SER A 436 -22.55 14.72 9.17
C SER A 436 -21.22 14.96 9.92
N TYR A 437 -20.34 13.97 9.88
CA TYR A 437 -19.05 14.04 10.54
C TYR A 437 -18.19 15.09 9.85
N LEU A 438 -18.15 15.01 8.51
CA LEU A 438 -17.38 15.94 7.72
C LEU A 438 -17.86 17.36 7.93
N HIS A 439 -19.19 17.61 7.90
CA HIS A 439 -19.67 18.98 8.12
C HIS A 439 -19.36 19.46 9.53
N ALA A 440 -19.56 18.62 10.54
CA ALA A 440 -19.38 19.04 11.93
C ALA A 440 -17.92 19.32 12.32
N PHE A 441 -16.99 18.76 11.56
CA PHE A 441 -15.57 18.80 11.93
C PHE A 441 -14.68 19.43 10.83
N ALA A 442 -15.29 19.99 9.79
CA ALA A 442 -14.53 20.67 8.74
C ALA A 442 -13.44 21.58 9.36
N TYR A 443 -12.22 21.46 8.88
CA TYR A 443 -11.10 22.30 9.29
C TYR A 443 -10.68 22.08 10.73
N GLN A 444 -11.12 20.97 11.31
CA GLN A 444 -10.79 20.62 12.68
C GLN A 444 -10.24 19.20 12.73
N ASN A 445 -10.19 18.61 13.91
CA ASN A 445 -9.57 17.29 14.08
C ASN A 445 -10.53 16.42 14.89
N THR A 446 -10.37 15.10 14.77
CA THR A 446 -11.28 14.15 15.36
C THR A 446 -10.53 12.94 15.82
N THR A 447 -11.25 12.08 16.56
CA THR A 447 -10.86 10.70 16.87
C THR A 447 -11.94 9.78 16.31
N TYR A 448 -11.69 8.48 16.33
CA TYR A 448 -12.65 7.51 15.77
C TYR A 448 -14.02 7.55 16.51
N LEU A 449 -13.98 7.85 17.80
CA LEU A 449 -15.20 8.01 18.56
C LEU A 449 -16.13 9.03 17.95
N ASP A 450 -15.56 10.00 17.23
CA ASP A 450 -16.35 11.05 16.61
C ASP A 450 -17.11 10.49 15.43
N LEU A 451 -16.46 9.64 14.64
CA LEU A 451 -17.14 8.98 13.54
C LEU A 451 -18.29 8.08 14.08
N TRP A 452 -18.01 7.29 15.11
CA TRP A 452 -19.03 6.41 15.67
C TRP A 452 -20.20 7.26 16.09
N GLU A 453 -19.94 8.37 16.74
CA GLU A 453 -20.99 9.18 17.31
C GLU A 453 -21.90 9.68 16.22
N HIS A 454 -21.29 10.07 15.11
CA HIS A 454 -22.05 10.60 14.00
C HIS A 454 -22.79 9.52 13.21
N LEU A 455 -22.18 8.35 13.04
CA LEU A 455 -22.89 7.20 12.49
C LEU A 455 -24.10 6.78 13.38
N GLN A 456 -23.92 6.81 14.70
CA GLN A 456 -24.99 6.55 15.66
C GLN A 456 -26.13 7.54 15.49
N LYS A 457 -25.78 8.78 15.24
CA LYS A 457 -26.80 9.80 15.04
C LYS A 457 -27.69 9.41 13.88
N ALA A 458 -27.07 8.98 12.77
CA ALA A 458 -27.82 8.55 11.58
C ALA A 458 -28.69 7.33 11.86
N VAL A 459 -28.13 6.36 12.57
CA VAL A 459 -28.91 5.18 12.95
C VAL A 459 -30.12 5.60 13.77
N ASP A 460 -29.88 6.44 14.78
CA ASP A 460 -30.91 6.87 15.71
C ASP A 460 -32.01 7.63 15.02
N ALA A 461 -31.68 8.25 13.89
CA ALA A 461 -32.67 9.00 13.13
C ALA A 461 -33.45 8.17 12.08
N GLN A 462 -33.33 6.85 12.09
CA GLN A 462 -34.16 6.02 11.21
C GLN A 462 -34.61 4.69 11.85
N THR A 463 -35.43 3.92 11.10
CA THR A 463 -36.14 2.73 11.62
C THR A 463 -35.94 1.42 10.85
N SER A 464 -35.41 1.51 9.65
CA SER A 464 -35.21 0.36 8.80
C SER A 464 -34.10 -0.58 9.32
N ILE A 465 -32.94 -0.01 9.61
CA ILE A 465 -31.80 -0.78 10.07
C ILE A 465 -31.75 -0.83 11.59
N ARG A 466 -31.78 -2.04 12.14
CA ARG A 466 -31.69 -2.23 13.59
C ARG A 466 -30.41 -2.98 13.96
N LEU A 467 -29.82 -2.64 15.11
CA LEU A 467 -28.52 -3.21 15.50
C LEU A 467 -28.59 -3.90 16.85
N PRO A 468 -27.79 -4.94 17.05
CA PRO A 468 -27.74 -5.60 18.36
C PRO A 468 -27.24 -4.67 19.48
N ASP A 469 -26.55 -3.59 19.13
CA ASP A 469 -25.95 -2.73 20.13
C ASP A 469 -25.58 -1.39 19.47
N THR A 470 -25.01 -0.46 20.24
CA THR A 470 -24.53 0.80 19.69
C THR A 470 -23.43 0.55 18.66
N VAL A 471 -23.24 1.52 17.76
CA VAL A 471 -22.18 1.45 16.74
C VAL A 471 -20.86 1.29 17.46
N ARG A 472 -20.62 2.19 18.42
CA ARG A 472 -19.42 2.14 19.25
C ARG A 472 -19.07 0.74 19.74
N ALA A 473 -20.04 0.13 20.43
CA ALA A 473 -19.85 -1.13 21.14
C ALA A 473 -19.56 -2.29 20.21
N ILE A 474 -20.20 -2.31 19.04
CA ILE A 474 -19.86 -3.27 18.00
C ILE A 474 -18.46 -3.01 17.45
N MET A 475 -18.20 -1.74 17.14
CA MET A 475 -16.94 -1.36 16.52
C MET A 475 -15.76 -1.58 17.44
N ASP A 476 -15.93 -1.30 18.73
CA ASP A 476 -14.92 -1.61 19.74
C ASP A 476 -14.40 -3.05 19.70
N ARG A 477 -15.25 -4.03 19.36
CA ARG A 477 -14.75 -5.41 19.21
C ARG A 477 -13.79 -5.60 18.02
N TRP A 478 -13.84 -4.67 17.06
CA TRP A 478 -13.08 -4.84 15.82
C TRP A 478 -11.88 -3.88 15.80
N THR A 479 -11.88 -2.96 16.75
CA THR A 479 -10.87 -1.90 16.78
C THR A 479 -9.93 -2.01 18.02
N LEU A 480 -10.50 -2.33 19.18
CA LEU A 480 -9.73 -2.46 20.42
C LEU A 480 -8.97 -3.77 20.63
N GLN A 481 -9.32 -4.82 19.92
CA GLN A 481 -8.58 -6.07 20.04
C GLN A 481 -8.02 -6.47 18.67
N MET A 482 -6.89 -7.18 18.66
CA MET A 482 -6.33 -7.65 17.39
C MET A 482 -7.13 -8.84 16.85
N GLY A 483 -6.78 -9.31 15.66
CA GLY A 483 -7.31 -10.56 15.11
C GLY A 483 -8.75 -10.50 14.61
N PHE A 484 -9.27 -11.69 14.31
CA PHE A 484 -10.64 -11.87 13.86
C PHE A 484 -11.09 -13.29 14.23
N PRO A 485 -12.42 -13.58 14.19
CA PRO A 485 -12.93 -14.92 14.48
C PRO A 485 -13.02 -15.86 13.29
N VAL A 486 -12.91 -17.16 13.57
CA VAL A 486 -13.39 -18.15 12.63
C VAL A 486 -14.78 -18.49 13.11
N ILE A 487 -15.69 -18.54 12.16
CA ILE A 487 -17.08 -18.84 12.43
C ILE A 487 -17.32 -20.23 11.89
N THR A 488 -17.66 -21.15 12.79
CA THR A 488 -17.90 -22.52 12.41
C THR A 488 -19.39 -22.82 12.54
N VAL A 489 -19.94 -23.47 11.52
CA VAL A 489 -21.34 -23.84 11.52
C VAL A 489 -21.50 -25.36 11.32
N ASP A 490 -22.30 -25.96 12.20
CA ASP A 490 -22.82 -27.31 12.02
C ASP A 490 -24.21 -27.19 11.40
N THR A 491 -24.32 -27.49 10.11
CA THR A 491 -25.56 -27.30 9.40
C THR A 491 -26.63 -28.31 9.81
N LYS A 492 -26.19 -29.43 10.38
CA LYS A 492 -27.07 -30.46 10.92
C LYS A 492 -28.00 -29.87 11.96
N THR A 493 -27.45 -29.01 12.81
CA THR A 493 -28.19 -28.45 13.94
C THR A 493 -28.43 -26.95 13.82
N GLY A 494 -27.66 -26.27 12.97
CA GLY A 494 -27.72 -24.81 12.90
C GLY A 494 -27.04 -24.14 14.09
N ASN A 495 -26.18 -24.89 14.77
CA ASN A 495 -25.31 -24.34 15.81
C ASN A 495 -24.21 -23.53 15.15
N ILE A 496 -23.70 -22.51 15.83
CA ILE A 496 -22.77 -21.58 15.20
C ILE A 496 -21.83 -21.00 16.26
N SER A 497 -20.54 -21.19 16.04
CA SER A 497 -19.56 -20.74 17.03
C SER A 497 -18.56 -19.72 16.49
N GLN A 498 -17.85 -19.10 17.41
CA GLN A 498 -16.79 -18.18 17.08
C GLN A 498 -15.61 -18.42 18.00
N LYS A 499 -14.42 -18.45 17.40
CA LYS A 499 -13.16 -18.42 18.14
C LYS A 499 -12.12 -17.53 17.44
N HIS A 500 -11.28 -16.87 18.24
CA HIS A 500 -10.08 -16.22 17.71
C HIS A 500 -9.29 -17.13 16.75
N PHE A 501 -9.26 -16.78 15.46
CA PHE A 501 -8.56 -17.59 14.47
C PHE A 501 -7.06 -17.34 14.40
N LEU A 502 -6.26 -18.41 14.46
CA LEU A 502 -4.81 -18.35 14.26
C LEU A 502 -4.37 -19.46 13.36
N LEU A 503 -3.57 -19.11 12.35
CA LEU A 503 -3.09 -20.09 11.38
C LEU A 503 -2.28 -21.20 12.04
N ASP A 504 -1.57 -20.85 13.10
CA ASP A 504 -0.87 -21.86 13.89
C ASP A 504 -1.70 -22.31 15.12
N SER A 505 -2.23 -23.54 15.04
CA SER A 505 -3.14 -24.09 16.04
C SER A 505 -2.48 -24.28 17.40
N GLU A 506 -1.14 -24.20 17.42
CA GLU A 506 -0.33 -24.47 18.60
C GLU A 506 0.28 -23.18 19.20
N SER A 507 -0.16 -22.02 18.71
CA SER A 507 0.40 -20.71 19.11
C SER A 507 -0.18 -20.18 20.40
N ASN A 508 0.67 -19.66 21.28
CA ASN A 508 0.21 -19.01 22.52
C ASN A 508 -0.05 -17.53 22.37
N VAL A 509 -1.33 -17.18 22.34
CA VAL A 509 -1.74 -15.78 22.32
C VAL A 509 -1.51 -15.24 23.73
N THR A 510 -0.68 -14.21 23.81
CA THR A 510 -0.28 -13.65 25.10
C THR A 510 -0.81 -12.25 25.30
N ARG A 511 -1.25 -11.63 24.21
CA ARG A 511 -1.91 -10.32 24.30
C ARG A 511 -3.37 -10.50 24.75
N SER A 512 -3.73 -9.89 25.87
CA SER A 512 -5.08 -10.03 26.40
C SER A 512 -6.08 -9.05 25.74
N SER A 513 -7.36 -9.45 25.66
CA SER A 513 -8.45 -8.58 25.19
C SER A 513 -9.52 -8.30 26.25
N ALA A 514 -10.01 -7.06 26.30
CA ALA A 514 -11.11 -6.71 27.21
C ALA A 514 -12.39 -7.52 26.92
N PHE A 515 -12.42 -8.19 25.76
CA PHE A 515 -13.58 -8.96 25.30
C PHE A 515 -13.34 -10.46 25.16
N ASP A 516 -12.22 -10.94 25.70
CA ASP A 516 -11.90 -12.36 25.70
C ASP A 516 -11.91 -12.96 24.27
N TYR A 517 -11.56 -12.13 23.29
CA TYR A 517 -11.57 -12.52 21.86
C TYR A 517 -12.95 -13.00 21.38
N LEU A 518 -13.94 -12.21 21.80
CA LEU A 518 -15.28 -12.36 21.31
C LEU A 518 -15.68 -11.09 20.57
N TRP A 519 -16.41 -11.29 19.47
CA TRP A 519 -16.85 -10.22 18.58
C TRP A 519 -18.36 -10.27 18.43
N ILE A 520 -18.94 -9.10 18.18
CA ILE A 520 -20.31 -8.95 17.72
C ILE A 520 -20.28 -8.96 16.18
N VAL A 521 -20.73 -10.06 15.57
CA VAL A 521 -20.42 -10.33 14.19
C VAL A 521 -21.63 -10.28 13.27
N PRO A 522 -21.56 -9.50 12.19
CA PRO A 522 -22.70 -9.46 11.31
C PRO A 522 -22.55 -10.52 10.24
N ILE A 523 -23.57 -11.35 10.12
CA ILE A 523 -23.53 -12.50 9.25
C ILE A 523 -24.69 -12.45 8.25
N SER A 524 -24.36 -12.31 6.97
CA SER A 524 -25.30 -12.51 5.88
C SER A 524 -25.20 -13.97 5.57
N SER A 525 -26.02 -14.49 4.66
CA SER A 525 -25.99 -15.93 4.30
C SER A 525 -26.96 -16.29 3.17
N ILE A 526 -26.55 -17.27 2.38
CA ILE A 526 -27.27 -17.65 1.19
C ILE A 526 -27.61 -19.14 1.37
N LYS A 527 -28.87 -19.50 1.10
CA LYS A 527 -29.29 -20.91 1.09
C LYS A 527 -29.85 -21.26 -0.26
N ASN A 528 -29.23 -22.23 -0.91
CA ASN A 528 -29.62 -22.71 -2.24
C ASN A 528 -29.56 -21.62 -3.32
N GLY A 529 -28.65 -20.67 -3.14
CA GLY A 529 -28.53 -19.56 -4.08
C GLY A 529 -29.54 -18.46 -3.84
N VAL A 530 -30.27 -18.56 -2.72
CA VAL A 530 -31.25 -17.55 -2.32
C VAL A 530 -30.87 -16.88 -0.99
N MET A 531 -30.75 -15.56 -1.04
CA MET A 531 -30.38 -14.73 0.10
C MET A 531 -31.28 -14.95 1.30
N GLN A 532 -30.69 -15.25 2.45
CA GLN A 532 -31.48 -15.41 3.69
C GLN A 532 -31.56 -14.12 4.49
N ASP A 533 -32.20 -14.19 5.65
CA ASP A 533 -32.29 -13.03 6.54
C ASP A 533 -30.97 -12.78 7.22
N HIS A 534 -30.65 -11.51 7.42
CA HIS A 534 -29.42 -11.14 8.10
C HIS A 534 -29.47 -11.56 9.54
N TYR A 535 -28.33 -12.02 10.04
CA TYR A 535 -28.22 -12.51 11.38
C TYR A 535 -27.05 -11.78 12.06
N TRP A 536 -27.14 -11.60 13.36
CA TRP A 536 -26.05 -11.03 14.14
C TRP A 536 -25.62 -12.04 15.22
N LEU A 537 -24.36 -12.45 15.21
CA LEU A 537 -23.82 -13.24 16.29
C LEU A 537 -23.37 -12.30 17.40
N ARG A 538 -24.00 -12.38 18.56
CA ARG A 538 -23.61 -11.57 19.72
C ARG A 538 -22.27 -12.03 20.28
N ASP A 539 -21.86 -11.39 21.38
CA ASP A 539 -20.60 -11.72 22.05
C ASP A 539 -20.73 -12.98 22.92
N VAL A 540 -20.85 -14.11 22.24
CA VAL A 540 -21.01 -15.42 22.86
C VAL A 540 -20.30 -16.45 21.98
N SER A 541 -19.83 -17.54 22.60
CA SER A 541 -19.02 -18.53 21.89
C SER A 541 -19.83 -19.42 20.96
N GLN A 542 -21.06 -19.67 21.39
CA GLN A 542 -21.91 -20.66 20.80
C GLN A 542 -23.33 -20.06 20.73
N ALA A 543 -24.03 -20.33 19.63
CA ALA A 543 -25.45 -19.99 19.46
C ALA A 543 -26.13 -20.92 18.44
N GLN A 544 -27.43 -20.74 18.24
CA GLN A 544 -28.14 -21.60 17.32
C GLN A 544 -29.15 -20.76 16.59
N ASN A 545 -29.28 -21.02 15.30
CA ASN A 545 -30.40 -20.46 14.56
C ASN A 545 -30.68 -21.34 13.36
N ASP A 546 -31.96 -21.48 13.07
CA ASP A 546 -32.43 -22.35 11.99
C ASP A 546 -31.99 -21.88 10.62
N LEU A 547 -31.66 -20.59 10.52
CA LEU A 547 -30.97 -20.06 9.33
C LEU A 547 -29.77 -20.90 8.90
N PHE A 548 -29.09 -21.52 9.88
CA PHE A 548 -27.91 -22.35 9.64
C PHE A 548 -28.15 -23.85 9.77
N LYS A 549 -29.41 -24.24 9.99
CA LYS A 549 -29.82 -25.63 9.88
C LYS A 549 -30.17 -25.93 8.43
N THR A 550 -29.84 -27.14 7.97
CA THR A 550 -29.98 -27.55 6.57
C THR A 550 -30.73 -28.90 6.43
N ALA A 551 -31.11 -29.28 5.21
CA ALA A 551 -31.60 -30.63 4.93
C ALA A 551 -30.51 -31.39 4.17
N SER A 552 -30.76 -32.67 3.87
CA SER A 552 -29.80 -33.51 3.13
C SER A 552 -29.39 -32.93 1.77
N ASP A 553 -30.39 -32.52 0.99
CA ASP A 553 -30.18 -31.95 -0.34
C ASP A 553 -29.82 -30.46 -0.33
N ASP A 554 -29.83 -29.84 0.86
CA ASP A 554 -29.57 -28.40 1.00
C ASP A 554 -28.15 -28.02 1.40
N TRP A 555 -27.78 -26.80 1.04
CA TRP A 555 -26.52 -26.23 1.49
C TRP A 555 -26.68 -24.79 1.95
N VAL A 556 -25.81 -24.39 2.87
CA VAL A 556 -25.84 -23.04 3.43
C VAL A 556 -24.43 -22.42 3.45
N LEU A 557 -24.32 -21.21 2.93
CA LEU A 557 -23.04 -20.55 2.80
C LEU A 557 -23.12 -19.17 3.47
N LEU A 558 -22.06 -18.78 4.16
CA LEU A 558 -22.08 -17.56 4.99
C LEU A 558 -21.20 -16.46 4.49
N ASN A 559 -21.45 -15.26 4.99
CA ASN A 559 -20.64 -14.07 4.68
C ASN A 559 -20.65 -13.77 3.17
N VAL A 560 -21.80 -13.34 2.67
CA VAL A 560 -21.95 -13.12 1.24
C VAL A 560 -20.98 -12.04 0.77
N ASN A 561 -20.25 -12.35 -0.29
CA ASN A 561 -19.31 -11.40 -0.83
C ASN A 561 -18.21 -11.03 0.18
N VAL A 562 -18.06 -11.83 1.24
CA VAL A 562 -17.06 -11.59 2.30
C VAL A 562 -17.01 -10.13 2.73
N THR A 563 -18.19 -9.58 3.03
CA THR A 563 -18.28 -8.23 3.57
C THR A 563 -17.87 -8.22 5.05
N GLY A 564 -18.06 -9.35 5.72
CA GLY A 564 -17.68 -9.46 7.12
C GLY A 564 -16.22 -9.83 7.25
N TYR A 565 -15.58 -9.33 8.30
CA TYR A 565 -14.17 -9.57 8.53
C TYR A 565 -13.93 -10.86 9.33
N PHE A 566 -14.24 -11.99 8.70
CA PHE A 566 -14.12 -13.26 9.39
C PHE A 566 -14.10 -14.41 8.41
N GLN A 567 -13.60 -15.54 8.85
CA GLN A 567 -13.59 -16.72 8.01
C GLN A 567 -14.58 -17.77 8.50
N VAL A 568 -15.07 -18.55 7.53
CA VAL A 568 -16.14 -19.50 7.78
C VAL A 568 -15.69 -20.92 7.55
N ASN A 569 -15.96 -21.75 8.56
CA ASN A 569 -15.85 -23.21 8.44
C ASN A 569 -17.19 -23.91 8.61
N TYR A 570 -17.35 -25.02 7.89
CA TYR A 570 -18.56 -25.83 8.03
C TYR A 570 -18.26 -27.24 8.54
N ASP A 571 -19.31 -28.05 8.61
CA ASP A 571 -19.26 -29.50 8.72
C ASP A 571 -18.96 -30.06 7.33
N GLU A 572 -18.44 -31.29 7.28
CA GLU A 572 -18.07 -31.90 6.01
C GLU A 572 -19.18 -32.03 4.97
N ASP A 573 -20.41 -32.22 5.43
CA ASP A 573 -21.53 -32.49 4.54
C ASP A 573 -21.95 -31.27 3.76
N ASN A 574 -22.12 -30.16 4.48
CA ASN A 574 -22.42 -28.90 3.84
C ASN A 574 -21.30 -28.51 2.89
N TRP A 575 -20.07 -28.73 3.35
CA TRP A 575 -18.88 -28.58 2.51
C TRP A 575 -19.01 -29.38 1.19
N ARG A 576 -19.27 -30.68 1.31
CA ARG A 576 -19.43 -31.53 0.14
C ARG A 576 -20.54 -31.04 -0.76
N MET A 577 -21.64 -30.57 -0.14
CA MET A 577 -22.81 -30.06 -0.87
C MET A 577 -22.47 -28.80 -1.67
N ILE A 578 -21.80 -27.87 -1.00
CA ILE A 578 -21.24 -26.69 -1.65
C ILE A 578 -20.46 -27.13 -2.89
N GLN A 579 -19.58 -28.12 -2.70
CA GLN A 579 -18.72 -28.65 -3.77
C GLN A 579 -19.57 -29.12 -4.97
N HIS A 580 -20.63 -29.89 -4.68
CA HIS A 580 -21.53 -30.41 -5.71
C HIS A 580 -22.16 -29.28 -6.52
N GLN A 581 -22.63 -28.25 -5.82
CA GLN A 581 -23.17 -27.07 -6.48
C GLN A 581 -22.16 -26.46 -7.47
N LEU A 582 -20.89 -26.44 -7.06
CA LEU A 582 -19.85 -25.84 -7.87
C LEU A 582 -19.50 -26.73 -9.07
N GLN A 583 -19.56 -28.05 -8.89
CA GLN A 583 -19.39 -29.01 -9.99
C GLN A 583 -20.46 -28.84 -11.07
N THR A 584 -21.70 -28.63 -10.61
CA THR A 584 -22.88 -28.73 -11.47
C THR A 584 -23.42 -27.39 -12.01
N ASN A 585 -23.64 -26.41 -11.12
CA ASN A 585 -24.04 -25.05 -11.54
C ASN A 585 -23.39 -24.02 -10.64
N LEU A 586 -22.21 -23.55 -11.04
CA LEU A 586 -21.41 -22.63 -10.23
C LEU A 586 -22.00 -21.22 -10.17
N SER A 587 -22.74 -20.82 -11.20
CA SER A 587 -23.31 -19.48 -11.28
C SER A 587 -24.37 -19.16 -10.22
N VAL A 588 -24.70 -20.15 -9.41
CA VAL A 588 -25.63 -19.99 -8.29
C VAL A 588 -24.92 -19.47 -7.01
N ILE A 589 -23.61 -19.69 -6.93
CA ILE A 589 -22.82 -19.14 -5.83
C ILE A 589 -22.07 -17.88 -6.26
N PRO A 590 -22.33 -16.74 -5.59
CA PRO A 590 -21.72 -15.48 -6.03
C PRO A 590 -20.20 -15.62 -6.18
N VAL A 591 -19.66 -15.09 -7.29
CA VAL A 591 -18.26 -15.27 -7.65
C VAL A 591 -17.24 -14.97 -6.53
N ILE A 592 -17.58 -14.10 -5.59
CA ILE A 592 -16.68 -13.79 -4.48
C ILE A 592 -16.67 -14.95 -3.47
N ASN A 593 -17.82 -15.55 -3.25
CA ASN A 593 -17.83 -16.71 -2.36
C ASN A 593 -17.21 -17.97 -2.97
N ARG A 594 -17.31 -18.13 -4.28
CA ARG A 594 -16.54 -19.17 -4.94
C ARG A 594 -15.08 -19.01 -4.48
N ALA A 595 -14.57 -17.78 -4.44
CA ALA A 595 -13.21 -17.53 -4.02
C ALA A 595 -13.03 -17.79 -2.53
N GLN A 596 -14.04 -17.41 -1.75
CA GLN A 596 -13.98 -17.54 -0.30
C GLN A 596 -13.76 -18.99 0.15
N VAL A 597 -14.52 -19.89 -0.49
CA VAL A 597 -14.48 -21.31 -0.19
C VAL A 597 -13.03 -21.78 -0.21
N ILE A 598 -12.35 -21.50 -1.31
CA ILE A 598 -10.92 -21.76 -1.44
C ILE A 598 -10.08 -21.04 -0.38
N TYR A 599 -10.19 -19.71 -0.30
CA TYR A 599 -9.41 -18.93 0.66
C TYR A 599 -9.52 -19.46 2.09
N ASP A 600 -10.73 -19.51 2.62
CA ASP A 600 -10.94 -19.98 3.98
C ASP A 600 -10.47 -21.43 4.17
N SER A 601 -10.91 -22.34 3.30
CA SER A 601 -10.53 -23.74 3.49
C SER A 601 -9.02 -23.93 3.66
N PHE A 602 -8.22 -23.33 2.78
CA PHE A 602 -6.76 -23.49 2.90
C PHE A 602 -6.22 -22.93 4.20
N ASN A 603 -6.83 -21.87 4.70
CA ASN A 603 -6.40 -21.28 5.96
C ASN A 603 -6.80 -22.13 7.11
N LEU A 604 -8.00 -22.74 7.01
CA LEU A 604 -8.52 -23.62 8.04
C LEU A 604 -7.65 -24.90 8.10
N ALA A 605 -7.30 -25.43 6.93
CA ALA A 605 -6.36 -26.55 6.82
C ALA A 605 -5.04 -26.20 7.49
N THR A 606 -4.49 -25.03 7.17
CA THR A 606 -3.29 -24.56 7.83
C THR A 606 -3.47 -24.55 9.34
N ALA A 607 -4.65 -24.12 9.80
CA ALA A 607 -4.98 -24.12 11.23
C ALA A 607 -5.44 -25.48 11.76
N HIS A 608 -5.41 -26.51 10.91
CA HIS A 608 -5.86 -27.89 11.24
C HIS A 608 -7.35 -27.96 11.63
N MET A 609 -8.21 -27.23 10.93
CA MET A 609 -9.63 -27.26 11.26
C MET A 609 -10.40 -27.97 10.16
N VAL A 610 -9.72 -28.21 9.04
CA VAL A 610 -10.20 -29.15 8.04
C VAL A 610 -8.96 -29.89 7.53
N PRO A 611 -9.12 -31.11 6.98
CA PRO A 611 -7.92 -31.67 6.37
C PRO A 611 -7.61 -31.01 5.05
N VAL A 612 -6.32 -31.02 4.71
CA VAL A 612 -5.79 -30.38 3.51
C VAL A 612 -6.48 -30.90 2.24
N THR A 613 -6.98 -32.15 2.30
CA THR A 613 -7.72 -32.75 1.20
C THR A 613 -9.08 -32.07 0.95
N LEU A 614 -9.70 -31.58 2.02
CA LEU A 614 -10.96 -30.85 1.88
C LEU A 614 -10.73 -29.54 1.12
N ALA A 615 -9.68 -28.81 1.51
CA ALA A 615 -9.24 -27.63 0.79
C ALA A 615 -8.98 -27.94 -0.69
N LEU A 616 -8.15 -28.95 -0.96
CA LEU A 616 -7.88 -29.31 -2.35
C LEU A 616 -9.17 -29.63 -3.10
N ASP A 617 -10.06 -30.40 -2.50
CA ASP A 617 -11.35 -30.71 -3.10
C ASP A 617 -12.08 -29.43 -3.57
N ASN A 618 -11.88 -28.34 -2.84
CA ASN A 618 -12.50 -27.07 -3.21
C ASN A 618 -11.94 -26.44 -4.48
N THR A 619 -10.87 -27.01 -5.02
CA THR A 619 -10.33 -26.53 -6.30
C THR A 619 -10.93 -27.29 -7.49
N LEU A 620 -11.53 -28.44 -7.18
CA LEU A 620 -11.92 -29.36 -8.24
C LEU A 620 -12.78 -28.66 -9.28
N PHE A 621 -13.64 -27.75 -8.83
CA PHE A 621 -14.62 -27.10 -9.72
C PHE A 621 -14.02 -26.19 -10.76
N LEU A 622 -12.74 -25.85 -10.59
CA LEU A 622 -12.08 -24.81 -11.40
C LEU A 622 -12.04 -25.11 -12.90
N ASN A 623 -12.07 -26.39 -13.26
CA ASN A 623 -12.01 -26.78 -14.66
C ASN A 623 -13.12 -26.13 -15.50
N GLY A 624 -14.19 -25.68 -14.83
CA GLY A 624 -15.31 -24.98 -15.48
C GLY A 624 -15.46 -23.50 -15.12
N GLU A 625 -14.53 -22.99 -14.32
CA GLU A 625 -14.51 -21.61 -13.85
C GLU A 625 -13.87 -20.63 -14.86
N LYS A 626 -14.66 -19.67 -15.31
CA LYS A 626 -14.16 -18.64 -16.21
C LYS A 626 -13.65 -17.44 -15.43
N GLU A 627 -14.05 -17.31 -14.18
CA GLU A 627 -13.89 -16.03 -13.49
C GLU A 627 -12.59 -15.84 -12.71
N TYR A 628 -12.08 -14.62 -12.74
CA TYR A 628 -10.76 -14.32 -12.19
C TYR A 628 -10.60 -14.77 -10.76
N MET A 629 -11.52 -14.36 -9.90
CA MET A 629 -11.26 -14.49 -8.47
C MET A 629 -11.06 -15.91 -7.93
N PRO A 630 -11.99 -16.82 -8.24
CA PRO A 630 -11.77 -18.13 -7.64
C PRO A 630 -10.43 -18.74 -8.09
N TRP A 631 -10.03 -18.49 -9.33
CA TRP A 631 -8.75 -18.96 -9.80
C TRP A 631 -7.63 -18.29 -8.99
N GLN A 632 -7.76 -16.99 -8.79
CA GLN A 632 -6.74 -16.26 -8.06
C GLN A 632 -6.59 -16.79 -6.63
N ALA A 633 -7.72 -17.11 -6.00
CA ALA A 633 -7.69 -17.73 -4.67
C ALA A 633 -6.87 -19.02 -4.65
N ALA A 634 -7.07 -19.85 -5.68
CA ALA A 634 -6.38 -21.12 -5.81
C ALA A 634 -4.90 -20.89 -6.05
N LEU A 635 -4.58 -20.04 -7.02
CA LEU A 635 -3.19 -19.76 -7.33
C LEU A 635 -2.46 -19.19 -6.12
N SER A 636 -3.14 -18.34 -5.35
CA SER A 636 -2.55 -17.79 -4.14
C SER A 636 -2.37 -18.84 -3.06
N SER A 637 -3.38 -19.68 -2.86
CA SER A 637 -3.31 -20.69 -1.81
C SER A 637 -2.28 -21.77 -2.11
N LEU A 638 -2.02 -22.02 -3.38
CA LEU A 638 -1.12 -23.09 -3.80
C LEU A 638 0.32 -22.68 -4.04
N SER A 639 0.58 -21.39 -4.21
CA SER A 639 1.95 -20.94 -4.44
C SER A 639 2.92 -21.52 -3.40
N TYR A 640 2.43 -21.74 -2.17
CA TYR A 640 3.27 -22.35 -1.12
C TYR A 640 3.51 -23.86 -1.31
N PHE A 641 2.52 -24.55 -1.88
CA PHE A 641 2.65 -25.97 -2.17
C PHE A 641 3.70 -26.14 -3.26
N SER A 642 3.61 -25.29 -4.28
CA SER A 642 4.61 -25.22 -5.33
C SER A 642 6.01 -24.97 -4.74
N LEU A 643 6.08 -24.03 -3.81
CA LEU A 643 7.33 -23.66 -3.21
C LEU A 643 7.92 -24.76 -2.34
N MET A 644 7.06 -25.59 -1.76
CA MET A 644 7.56 -26.70 -0.96
C MET A 644 7.91 -27.90 -1.83
N PHE A 645 7.05 -28.20 -2.80
CA PHE A 645 7.12 -29.45 -3.57
C PHE A 645 7.69 -29.38 -4.98
N ASP A 646 8.14 -28.22 -5.43
CA ASP A 646 8.52 -28.12 -6.83
C ASP A 646 9.82 -28.84 -7.13
N ARG A 647 10.45 -29.35 -6.07
CA ARG A 647 11.66 -30.17 -6.20
C ARG A 647 11.46 -31.61 -5.76
N SER A 648 10.21 -32.06 -5.72
CA SER A 648 9.89 -33.39 -5.19
C SER A 648 8.94 -34.17 -6.09
N GLU A 649 8.81 -35.44 -5.79
CA GLU A 649 7.87 -36.35 -6.45
C GLU A 649 6.41 -35.87 -6.43
N VAL A 650 6.09 -34.88 -5.62
CA VAL A 650 4.74 -34.35 -5.56
C VAL A 650 4.49 -33.48 -6.79
N TYR A 651 5.55 -32.89 -7.33
CA TYR A 651 5.40 -31.89 -8.37
C TYR A 651 4.71 -32.38 -9.62
N GLY A 652 5.20 -33.48 -10.16
CA GLY A 652 4.64 -34.02 -11.41
C GLY A 652 3.13 -34.16 -11.41
N PRO A 653 2.58 -34.78 -10.35
CA PRO A 653 1.14 -34.89 -10.08
C PRO A 653 0.45 -33.54 -10.02
N MET A 654 1.05 -32.62 -9.26
CA MET A 654 0.53 -31.26 -9.13
C MET A 654 0.38 -30.62 -10.50
N LYS A 655 1.44 -30.65 -11.30
CA LYS A 655 1.43 -30.06 -12.64
C LYS A 655 0.42 -30.75 -13.53
N LYS A 656 0.43 -32.08 -13.53
CA LYS A 656 -0.54 -32.85 -14.27
C LYS A 656 -1.95 -32.36 -13.91
N TYR A 657 -2.26 -32.28 -12.60
CA TYR A 657 -3.53 -31.77 -12.10
C TYR A 657 -3.84 -30.37 -12.62
N LEU A 658 -2.90 -29.45 -12.41
CA LEU A 658 -3.11 -28.06 -12.82
C LEU A 658 -3.32 -27.93 -14.33
N ARG A 659 -2.58 -28.71 -15.11
CA ARG A 659 -2.80 -28.74 -16.54
C ARG A 659 -4.25 -29.10 -16.85
N LYS A 660 -4.71 -30.19 -16.23
CA LYS A 660 -6.09 -30.63 -16.36
C LYS A 660 -7.06 -29.48 -16.09
N GLN A 661 -6.89 -28.80 -14.95
CA GLN A 661 -7.80 -27.72 -14.51
C GLN A 661 -7.81 -26.46 -15.39
N VAL A 662 -6.69 -26.15 -16.00
CA VAL A 662 -6.56 -24.86 -16.66
C VAL A 662 -6.78 -24.91 -18.18
N GLU A 663 -6.65 -26.11 -18.76
CA GLU A 663 -6.72 -26.27 -20.20
C GLU A 663 -8.03 -25.75 -20.79
N PRO A 664 -9.18 -26.22 -20.25
CA PRO A 664 -10.48 -25.72 -20.74
C PRO A 664 -10.56 -24.19 -20.75
N LEU A 665 -10.11 -23.57 -19.66
CA LEU A 665 -10.02 -22.13 -19.59
C LEU A 665 -9.09 -21.57 -20.68
N PHE A 666 -7.89 -22.16 -20.81
CA PHE A 666 -7.01 -21.82 -21.91
C PHE A 666 -7.76 -21.91 -23.25
N GLN A 667 -8.38 -23.05 -23.52
CA GLN A 667 -9.17 -23.22 -24.74
C GLN A 667 -10.19 -22.10 -24.90
N HIS A 668 -10.98 -21.88 -23.84
CA HIS A 668 -12.02 -20.87 -23.84
C HIS A 668 -11.53 -19.50 -24.31
N PHE A 669 -10.38 -19.06 -23.78
CA PHE A 669 -9.80 -17.80 -24.21
C PHE A 669 -9.26 -17.86 -25.64
N GLU A 670 -8.64 -18.97 -26.01
CA GLU A 670 -8.20 -19.14 -27.39
C GLU A 670 -9.34 -18.80 -28.35
N THR A 671 -10.51 -19.41 -28.12
CA THR A 671 -11.76 -19.08 -28.82
C THR A 671 -12.08 -17.59 -28.66
N LEU A 672 -12.52 -17.21 -27.46
CA LEU A 672 -13.01 -15.85 -27.14
C LEU A 672 -12.09 -14.69 -27.57
N THR A 673 -10.78 -14.89 -27.53
CA THR A 673 -9.83 -13.86 -27.96
C THR A 673 -9.50 -13.88 -29.47
N LYS A 674 -10.20 -14.74 -30.23
CA LYS A 674 -9.94 -14.95 -31.66
C LYS A 674 -8.47 -15.32 -31.89
N ASN A 675 -8.05 -16.45 -31.32
CA ASN A 675 -6.65 -16.91 -31.43
C ASN A 675 -5.71 -15.82 -30.92
N TRP A 676 -6.06 -15.28 -29.75
CA TRP A 676 -5.25 -14.31 -28.99
C TRP A 676 -4.99 -12.98 -29.69
N THR A 677 -5.83 -12.66 -30.68
CA THR A 677 -5.66 -11.43 -31.46
C THR A 677 -6.35 -10.21 -30.83
N GLU A 678 -7.35 -10.44 -29.99
CA GLU A 678 -7.99 -9.35 -29.26
C GLU A 678 -8.28 -9.70 -27.80
N ARG A 679 -7.90 -8.81 -26.88
CA ARG A 679 -8.09 -9.01 -25.44
C ARG A 679 -9.57 -9.02 -25.07
N PRO A 680 -9.93 -9.68 -23.97
CA PRO A 680 -11.32 -9.67 -23.49
C PRO A 680 -11.79 -8.27 -23.16
N GLU A 681 -13.09 -8.09 -22.98
CA GLU A 681 -13.62 -6.75 -22.84
C GLU A 681 -13.29 -6.10 -21.48
N ASN A 682 -13.75 -6.68 -20.37
CA ASN A 682 -13.59 -6.04 -19.05
C ASN A 682 -12.31 -6.39 -18.24
N LEU A 683 -12.11 -5.70 -17.11
CA LEU A 683 -10.91 -5.90 -16.31
C LEU A 683 -10.81 -7.31 -15.78
N MET A 684 -11.90 -7.81 -15.19
CA MET A 684 -11.87 -9.09 -14.51
C MET A 684 -11.55 -10.22 -15.49
N ASP A 685 -12.10 -10.13 -16.69
CA ASP A 685 -11.86 -11.18 -17.66
C ASP A 685 -10.44 -11.10 -18.17
N GLN A 686 -9.92 -9.87 -18.29
CA GLN A 686 -8.52 -9.64 -18.70
C GLN A 686 -7.59 -10.29 -17.68
N TYR A 687 -7.93 -10.17 -16.40
CA TYR A 687 -7.15 -10.77 -15.33
C TYR A 687 -7.21 -12.29 -15.40
N SER A 688 -8.39 -12.83 -15.66
CA SER A 688 -8.56 -14.26 -15.73
C SER A 688 -7.66 -14.79 -16.82
N GLU A 689 -7.70 -14.15 -18.00
CA GLU A 689 -6.86 -14.57 -19.10
C GLU A 689 -5.40 -14.53 -18.68
N ILE A 690 -4.95 -13.41 -18.10
CA ILE A 690 -3.56 -13.31 -17.65
C ILE A 690 -3.15 -14.46 -16.72
N ASN A 691 -4.01 -14.75 -15.75
CA ASN A 691 -3.79 -15.88 -14.86
C ASN A 691 -3.78 -17.28 -15.52
N ALA A 692 -4.73 -17.52 -16.42
CA ALA A 692 -4.77 -18.82 -17.07
C ALA A 692 -3.51 -19.01 -17.89
N ILE A 693 -3.20 -18.05 -18.75
CA ILE A 693 -2.02 -18.19 -19.59
C ILE A 693 -0.82 -18.43 -18.72
N SER A 694 -0.68 -17.64 -17.67
CA SER A 694 0.41 -17.81 -16.71
C SER A 694 0.46 -19.24 -16.17
N THR A 695 -0.67 -19.71 -15.66
CA THR A 695 -0.75 -21.05 -15.10
C THR A 695 -0.55 -22.14 -16.16
N ALA A 696 -1.25 -22.05 -17.29
CA ALA A 696 -1.06 -23.02 -18.36
C ALA A 696 0.44 -23.18 -18.67
N CYS A 697 1.09 -22.11 -19.12
CA CYS A 697 2.51 -22.17 -19.45
C CYS A 697 3.37 -22.71 -18.30
N SER A 698 3.11 -22.27 -17.07
CA SER A 698 4.07 -22.57 -16.01
C SER A 698 3.88 -23.98 -15.49
N ASN A 699 2.77 -24.60 -15.85
CA ASN A 699 2.59 -26.01 -15.54
C ASN A 699 2.83 -26.90 -16.76
N GLY A 700 3.31 -26.29 -17.84
CA GLY A 700 3.73 -27.04 -19.00
C GLY A 700 2.64 -27.53 -19.92
N LEU A 701 1.54 -26.79 -20.04
CA LEU A 701 0.56 -27.06 -21.09
C LEU A 701 1.18 -26.77 -22.47
N PRO A 702 1.32 -27.80 -23.33
CA PRO A 702 2.03 -27.59 -24.61
C PRO A 702 1.46 -26.47 -25.50
N GLN A 703 0.14 -26.31 -25.54
CA GLN A 703 -0.50 -25.27 -26.36
C GLN A 703 -0.08 -23.87 -25.90
N CYS A 704 0.17 -23.74 -24.59
CA CYS A 704 0.66 -22.49 -24.03
C CYS A 704 2.13 -22.30 -24.39
N GLU A 705 2.93 -23.35 -24.25
CA GLU A 705 4.36 -23.29 -24.58
C GLU A 705 4.54 -22.90 -26.04
N ASN A 706 3.78 -23.55 -26.90
CA ASN A 706 3.76 -23.27 -28.33
C ASN A 706 3.54 -21.78 -28.62
N LEU A 707 2.46 -21.23 -28.08
CA LEU A 707 2.12 -19.80 -28.22
C LEU A 707 3.29 -18.90 -27.79
N ALA A 708 3.81 -19.19 -26.60
CA ALA A 708 4.90 -18.42 -26.04
C ALA A 708 6.13 -18.45 -26.96
N LYS A 709 6.41 -19.60 -27.58
CA LYS A 709 7.54 -19.71 -28.49
C LYS A 709 7.25 -19.04 -29.84
N THR A 710 6.02 -19.20 -30.33
CA THR A 710 5.57 -18.57 -31.59
C THR A 710 5.72 -17.05 -31.52
N LEU A 711 5.14 -16.45 -30.48
CA LEU A 711 5.12 -14.99 -30.32
C LEU A 711 6.51 -14.38 -30.16
N PHE A 712 7.34 -14.99 -29.32
CA PHE A 712 8.72 -14.56 -29.13
C PHE A 712 9.59 -14.77 -30.37
N ASP A 713 9.30 -15.79 -31.16
CA ASP A 713 9.95 -15.96 -32.47
C ASP A 713 9.61 -14.77 -33.35
N GLN A 714 8.31 -14.55 -33.47
CA GLN A 714 7.76 -13.44 -34.22
C GLN A 714 8.32 -12.08 -33.79
N TRP A 715 8.60 -11.94 -32.50
CA TRP A 715 9.15 -10.69 -31.98
C TRP A 715 10.61 -10.53 -32.37
N MET A 716 11.38 -11.62 -32.26
CA MET A 716 12.80 -11.58 -32.58
C MET A 716 13.04 -11.32 -34.05
N SER A 717 12.08 -11.72 -34.89
CA SER A 717 12.16 -11.47 -36.32
C SER A 717 11.83 -10.03 -36.65
N ASP A 718 11.24 -9.32 -35.68
CA ASP A 718 10.78 -7.95 -35.91
C ASP A 718 10.84 -7.08 -34.62
N PRO A 719 12.07 -6.78 -34.14
CA PRO A 719 12.32 -6.15 -32.83
C PRO A 719 11.58 -4.84 -32.57
N GLU A 720 11.45 -4.01 -33.59
CA GLU A 720 10.77 -2.73 -33.42
C GLU A 720 9.26 -2.89 -33.29
N ASN A 721 8.71 -4.04 -33.69
CA ASN A 721 7.25 -4.31 -33.59
C ASN A 721 6.88 -5.43 -32.65
N ASN A 722 6.89 -5.14 -31.35
CA ASN A 722 6.54 -6.15 -30.35
C ASN A 722 5.12 -6.63 -30.58
N PRO A 723 4.96 -7.93 -30.83
CA PRO A 723 3.65 -8.50 -31.07
C PRO A 723 2.90 -8.85 -29.79
N ILE A 724 3.61 -8.95 -28.68
CA ILE A 724 3.03 -9.47 -27.45
C ILE A 724 2.32 -8.36 -26.70
N HIS A 725 1.06 -8.62 -26.34
CA HIS A 725 0.26 -7.62 -25.61
C HIS A 725 0.76 -7.45 -24.19
N PRO A 726 0.93 -6.20 -23.75
CA PRO A 726 1.50 -5.93 -22.43
C PRO A 726 0.98 -6.84 -21.32
N ASN A 727 -0.32 -7.19 -21.37
CA ASN A 727 -0.95 -8.07 -20.37
C ASN A 727 -0.25 -9.41 -20.17
N LEU A 728 0.31 -9.93 -21.26
CA LEU A 728 0.85 -11.28 -21.33
C LEU A 728 2.37 -11.29 -21.42
N ARG A 729 2.98 -10.12 -21.35
CA ARG A 729 4.41 -10.03 -21.56
C ARG A 729 5.19 -10.87 -20.57
N SER A 730 4.85 -10.78 -19.29
CA SER A 730 5.63 -11.48 -18.27
C SER A 730 5.62 -13.01 -18.46
N THR A 731 4.46 -13.58 -18.79
CA THR A 731 4.37 -15.01 -19.05
C THR A 731 5.10 -15.36 -20.32
N ILE A 732 4.59 -14.87 -21.45
CA ILE A 732 5.21 -15.14 -22.74
C ILE A 732 6.73 -14.93 -22.74
N TYR A 733 7.21 -13.82 -22.18
CA TYR A 733 8.66 -13.56 -22.11
C TYR A 733 9.35 -14.67 -21.35
N CYS A 734 8.77 -15.05 -20.20
CA CYS A 734 9.43 -16.00 -19.28
C CYS A 734 9.47 -17.41 -19.88
N ASN A 735 8.31 -17.89 -20.31
CA ASN A 735 8.22 -19.18 -20.95
C ASN A 735 9.13 -19.32 -22.16
N ALA A 736 9.11 -18.34 -23.05
CA ALA A 736 9.94 -18.38 -24.26
C ALA A 736 11.43 -18.55 -23.92
N ILE A 737 11.89 -17.79 -22.93
CA ILE A 737 13.28 -17.82 -22.51
C ILE A 737 13.61 -19.17 -21.89
N ALA A 738 12.59 -19.74 -21.23
CA ALA A 738 12.70 -21.06 -20.65
C ALA A 738 12.92 -22.09 -21.76
N GLN A 739 12.07 -22.07 -22.78
CA GLN A 739 12.17 -23.00 -23.91
C GLN A 739 13.39 -22.75 -24.78
N GLY A 740 14.11 -21.65 -24.54
CA GLY A 740 15.18 -21.21 -25.44
C GLY A 740 16.57 -21.25 -24.84
N GLY A 741 17.53 -20.71 -25.59
CA GLY A 741 18.93 -20.73 -25.19
C GLY A 741 19.48 -19.32 -25.21
N GLN A 742 20.72 -19.14 -25.69
CA GLN A 742 21.35 -17.80 -25.69
C GLN A 742 20.79 -16.84 -26.76
N ASP A 743 20.15 -17.37 -27.81
CA ASP A 743 19.44 -16.55 -28.78
C ASP A 743 18.36 -15.70 -28.11
N GLN A 744 17.44 -16.38 -27.42
CA GLN A 744 16.33 -15.73 -26.73
C GLN A 744 16.84 -14.82 -25.64
N TRP A 745 17.76 -15.34 -24.82
CA TRP A 745 18.26 -14.62 -23.65
C TRP A 745 18.96 -13.33 -24.03
N ASP A 746 19.85 -13.40 -25.03
CA ASP A 746 20.59 -12.21 -25.49
C ASP A 746 19.71 -11.10 -26.07
N PHE A 747 18.74 -11.50 -26.89
CA PHE A 747 17.74 -10.61 -27.46
C PHE A 747 17.01 -9.87 -26.35
N ALA A 748 16.52 -10.64 -25.38
CA ALA A 748 15.81 -10.11 -24.23
C ALA A 748 16.69 -9.15 -23.46
N TRP A 749 17.96 -9.51 -23.29
CA TRP A 749 18.89 -8.70 -22.50
C TRP A 749 19.15 -7.37 -23.19
N GLY A 750 19.36 -7.43 -24.50
CA GLY A 750 19.43 -6.24 -25.34
C GLY A 750 18.18 -5.38 -25.15
N GLN A 751 17.01 -5.98 -25.36
CA GLN A 751 15.76 -5.27 -25.13
C GLN A 751 15.71 -4.59 -23.77
N LEU A 752 16.26 -5.24 -22.75
CA LEU A 752 16.31 -4.65 -21.41
C LEU A 752 17.21 -3.41 -21.37
N GLN A 753 18.42 -3.56 -21.91
CA GLN A 753 19.41 -2.48 -21.86
C GLN A 753 18.93 -1.23 -22.61
N GLN A 754 18.02 -1.40 -23.57
CA GLN A 754 17.49 -0.28 -24.34
C GLN A 754 16.05 0.13 -23.96
N ALA A 755 15.44 -0.59 -23.01
CA ALA A 755 14.06 -0.31 -22.62
C ALA A 755 13.94 1.00 -21.85
N GLN A 756 13.09 1.91 -22.34
CA GLN A 756 12.92 3.22 -21.71
C GLN A 756 12.04 3.16 -20.46
N LEU A 757 10.99 2.35 -20.52
CA LEU A 757 9.93 2.41 -19.53
C LEU A 757 10.07 1.34 -18.45
N VAL A 758 10.05 1.80 -17.21
CA VAL A 758 10.36 0.99 -16.01
C VAL A 758 9.66 -0.40 -15.97
N ASN A 759 8.37 -0.45 -16.30
CA ASN A 759 7.60 -1.67 -16.20
C ASN A 759 8.08 -2.72 -17.18
N GLU A 760 8.43 -2.28 -18.39
CA GLU A 760 8.95 -3.14 -19.44
C GLU A 760 10.30 -3.72 -19.01
N ALA A 761 11.17 -2.88 -18.47
CA ALA A 761 12.44 -3.35 -17.88
C ALA A 761 12.26 -4.39 -16.76
N ASP A 762 11.23 -4.21 -15.91
CA ASP A 762 10.97 -5.14 -14.83
C ASP A 762 10.53 -6.51 -15.34
N LYS A 763 9.77 -6.50 -16.44
CA LYS A 763 9.24 -7.69 -17.06
C LYS A 763 10.31 -8.51 -17.77
N LEU A 764 11.30 -7.83 -18.36
CA LEU A 764 12.44 -8.46 -19.01
C LEU A 764 13.39 -8.97 -17.96
N ARG A 765 13.64 -8.17 -16.94
CA ARG A 765 14.52 -8.58 -15.83
C ARG A 765 14.02 -9.83 -15.12
N SER A 766 12.70 -9.95 -14.98
CA SER A 766 12.11 -11.10 -14.34
C SER A 766 12.09 -12.30 -15.29
N ALA A 767 11.74 -12.06 -16.55
CA ALA A 767 11.74 -13.10 -17.57
C ALA A 767 13.14 -13.71 -17.76
N LEU A 768 14.17 -12.87 -17.80
CA LEU A 768 15.56 -13.32 -17.97
C LEU A 768 15.97 -14.38 -16.94
N ALA A 769 15.30 -14.35 -15.79
CA ALA A 769 15.56 -15.28 -14.71
C ALA A 769 14.91 -16.65 -14.97
N CYS A 770 14.17 -16.79 -16.06
CA CYS A 770 13.46 -18.00 -16.37
C CYS A 770 14.22 -18.96 -17.29
N SER A 771 15.47 -18.63 -17.63
CA SER A 771 16.26 -19.56 -18.42
C SER A 771 16.48 -20.84 -17.63
N ASN A 772 16.48 -21.97 -18.34
CA ASN A 772 16.71 -23.29 -17.74
C ASN A 772 18.15 -23.76 -17.93
N GLU A 773 19.04 -22.84 -18.28
CA GLU A 773 20.46 -23.14 -18.45
C GLU A 773 21.28 -22.63 -17.27
N VAL A 774 22.06 -23.50 -16.64
CA VAL A 774 22.81 -23.12 -15.44
C VAL A 774 23.83 -22.03 -15.77
N TRP A 775 24.62 -22.26 -16.82
CA TRP A 775 25.59 -21.27 -17.28
C TRP A 775 24.93 -19.88 -17.55
N LEU A 776 23.70 -19.86 -18.07
CA LEU A 776 23.02 -18.59 -18.35
C LEU A 776 22.56 -17.90 -17.06
N LEU A 777 22.16 -18.69 -16.07
CA LEU A 777 21.77 -18.12 -14.78
C LEU A 777 22.99 -17.73 -13.93
N ASN A 778 24.11 -18.40 -14.13
CA ASN A 778 25.30 -18.04 -13.39
C ASN A 778 25.95 -16.83 -14.02
N ARG A 779 25.91 -16.75 -15.35
CA ARG A 779 26.37 -15.54 -16.04
C ARG A 779 25.60 -14.30 -15.56
N TYR A 780 24.27 -14.44 -15.51
CA TYR A 780 23.33 -13.38 -15.10
C TYR A 780 23.50 -12.94 -13.64
N LEU A 781 23.82 -13.88 -12.76
CA LEU A 781 24.14 -13.52 -11.38
C LEU A 781 25.40 -12.65 -11.36
N GLY A 782 26.42 -13.04 -12.13
CA GLY A 782 27.66 -12.28 -12.25
C GLY A 782 27.39 -10.82 -12.58
N TYR A 783 26.37 -10.62 -13.41
CA TYR A 783 25.85 -9.30 -13.77
C TYR A 783 25.13 -8.48 -12.67
N THR A 784 24.58 -9.14 -11.65
CA THR A 784 23.78 -8.42 -10.66
C THR A 784 24.59 -7.45 -9.79
N LEU A 785 25.89 -7.73 -9.62
CA LEU A 785 26.75 -6.85 -8.84
C LEU A 785 27.55 -5.87 -9.70
N ASN A 786 27.05 -5.61 -10.90
CA ASN A 786 27.64 -4.63 -11.80
C ASN A 786 26.63 -3.56 -12.12
N PRO A 787 26.93 -2.32 -11.70
CA PRO A 787 26.03 -1.15 -11.81
C PRO A 787 25.85 -0.70 -13.24
N ASP A 788 26.88 -0.91 -14.07
CA ASP A 788 26.82 -0.62 -15.51
C ASP A 788 25.80 -1.49 -16.25
N LEU A 789 25.41 -2.61 -15.63
CA LEU A 789 24.53 -3.59 -16.25
C LEU A 789 23.21 -3.76 -15.49
N ILE A 790 23.30 -3.80 -14.16
CA ILE A 790 22.10 -3.83 -13.29
C ILE A 790 22.12 -2.72 -12.22
N ARG A 791 21.06 -1.93 -12.15
CA ARG A 791 20.93 -0.88 -11.14
C ARG A 791 20.98 -1.49 -9.73
N LYS A 792 21.78 -0.92 -8.83
CA LYS A 792 21.90 -1.43 -7.43
C LYS A 792 20.52 -1.70 -6.84
N GLN A 793 19.63 -0.74 -7.01
CA GLN A 793 18.27 -0.81 -6.52
C GLN A 793 17.48 -1.99 -7.11
N ASP A 794 18.08 -2.74 -8.03
CA ASP A 794 17.41 -3.89 -8.66
C ASP A 794 18.14 -5.23 -8.44
N ALA A 795 19.32 -5.15 -7.83
CA ALA A 795 20.20 -6.29 -7.72
C ALA A 795 19.60 -7.42 -6.88
N THR A 796 19.11 -7.09 -5.68
CA THR A 796 18.62 -8.12 -4.78
C THR A 796 17.34 -8.72 -5.31
N SER A 797 16.64 -7.94 -6.12
CA SER A 797 15.38 -8.38 -6.69
C SER A 797 15.68 -9.37 -7.82
N THR A 798 16.67 -9.04 -8.63
CA THR A 798 17.11 -9.90 -9.71
C THR A 798 17.66 -11.21 -9.14
N ILE A 799 18.33 -11.14 -7.99
CA ILE A 799 18.83 -12.35 -7.36
C ILE A 799 17.66 -13.24 -6.91
N ASN A 800 16.61 -12.62 -6.36
CA ASN A 800 15.45 -13.39 -5.92
C ASN A 800 14.68 -14.02 -7.04
N SER A 801 14.62 -13.32 -8.19
CA SER A 801 13.96 -13.87 -9.36
C SER A 801 14.65 -15.16 -9.82
N ILE A 802 15.99 -15.15 -9.76
CA ILE A 802 16.76 -16.29 -10.18
C ILE A 802 16.50 -17.44 -9.20
N ALA A 803 16.69 -17.21 -7.91
CA ALA A 803 16.33 -18.19 -6.87
C ALA A 803 14.90 -18.72 -7.02
N SER A 804 14.00 -17.95 -7.63
CA SER A 804 12.61 -18.37 -7.87
C SER A 804 12.53 -19.53 -8.85
N ASN A 805 13.45 -19.51 -9.81
CA ASN A 805 13.67 -20.60 -10.75
C ASN A 805 14.25 -21.77 -9.97
N VAL A 806 13.59 -22.92 -10.05
CA VAL A 806 14.02 -24.09 -9.28
C VAL A 806 15.46 -24.54 -9.63
N ILE A 807 15.84 -24.36 -10.90
CA ILE A 807 17.20 -24.57 -11.35
C ILE A 807 18.10 -23.52 -10.69
N GLY A 808 17.56 -22.30 -10.54
CA GLY A 808 18.29 -21.17 -9.95
C GLY A 808 18.41 -21.11 -8.43
N GLN A 809 17.46 -21.74 -7.73
CA GLN A 809 17.53 -21.88 -6.28
C GLN A 809 18.95 -22.16 -5.75
N PRO A 810 19.55 -23.33 -6.07
CA PRO A 810 20.91 -23.60 -5.57
C PRO A 810 21.98 -22.60 -6.05
N LEU A 811 21.88 -22.15 -7.30
CA LEU A 811 22.82 -21.17 -7.86
C LEU A 811 22.76 -19.86 -7.07
N ALA A 812 21.54 -19.40 -6.77
CA ALA A 812 21.36 -18.17 -6.02
C ALA A 812 21.88 -18.31 -4.61
N TRP A 813 21.50 -19.40 -3.95
CA TRP A 813 21.91 -19.64 -2.58
C TRP A 813 23.42 -19.67 -2.41
N ASP A 814 24.15 -20.23 -3.38
CA ASP A 814 25.62 -20.21 -3.33
C ASP A 814 26.15 -18.80 -3.53
N PHE A 815 25.62 -18.12 -4.55
CA PHE A 815 26.03 -16.76 -4.86
C PHE A 815 26.00 -15.90 -3.60
N VAL A 816 24.89 -16.00 -2.87
CA VAL A 816 24.66 -15.24 -1.65
C VAL A 816 25.66 -15.60 -0.53
N GLN A 817 25.78 -16.87 -0.20
CA GLN A 817 26.73 -17.29 0.84
C GLN A 817 28.14 -16.81 0.52
N SER A 818 28.52 -16.98 -0.74
CA SER A 818 29.85 -16.65 -1.23
C SER A 818 30.11 -15.15 -1.24
N ASN A 819 29.13 -14.38 -1.68
CA ASN A 819 29.30 -12.94 -1.76
C ASN A 819 28.84 -12.19 -0.53
N TRP A 820 28.50 -12.90 0.55
CA TRP A 820 28.11 -12.26 1.82
C TRP A 820 29.17 -11.25 2.30
N LYS A 821 30.39 -11.45 1.82
CA LYS A 821 31.47 -10.47 1.93
C LYS A 821 31.19 -9.20 1.09
N LYS A 822 29.92 -8.78 1.03
CA LYS A 822 29.52 -7.51 0.37
C LYS A 822 28.46 -6.75 1.20
N LEU A 823 28.42 -7.06 2.50
CA LEU A 823 27.71 -6.24 3.45
C LEU A 823 28.53 -4.97 3.72
N PHE A 824 29.85 -5.13 3.82
CA PHE A 824 30.76 -3.99 4.01
C PHE A 824 31.16 -3.25 2.71
N GLN A 825 30.45 -3.54 1.62
CA GLN A 825 30.52 -2.72 0.39
C GLN A 825 29.17 -2.05 0.15
N ASP A 826 28.10 -2.72 0.57
CA ASP A 826 26.75 -2.20 0.46
C ASP A 826 26.06 -2.14 1.82
N TYR A 827 26.36 -1.07 2.54
CA TYR A 827 25.64 -0.70 3.75
C TYR A 827 25.76 0.82 3.92
N GLY A 828 26.85 1.38 3.39
CA GLY A 828 27.10 2.83 3.39
C GLY A 828 26.48 3.58 2.22
N GLY A 829 26.69 3.05 1.00
CA GLY A 829 26.08 3.63 -0.19
C GLY A 829 24.87 2.82 -0.63
N GLY A 830 23.68 3.29 -0.27
CA GLY A 830 22.41 2.61 -0.60
C GLY A 830 22.14 1.42 0.31
N SER A 831 20.92 1.35 0.85
CA SER A 831 20.55 0.36 1.88
C SER A 831 20.83 -1.09 1.46
N PHE A 832 20.25 -1.48 0.32
CA PHE A 832 20.43 -2.81 -0.29
C PHE A 832 19.36 -3.86 0.11
N SER A 833 18.90 -3.80 1.37
CA SER A 833 17.82 -4.68 1.90
C SER A 833 18.16 -6.19 1.98
N PHE A 834 19.21 -6.49 2.75
CA PHE A 834 19.61 -7.84 3.05
C PHE A 834 18.45 -8.67 3.61
N SER A 835 17.40 -8.00 4.08
CA SER A 835 16.23 -8.68 4.64
C SER A 835 15.43 -9.39 3.55
N ASN A 836 15.18 -8.69 2.45
CA ASN A 836 14.41 -9.21 1.31
C ASN A 836 15.16 -10.35 0.62
N LEU A 837 16.46 -10.15 0.39
CA LEU A 837 17.30 -11.12 -0.28
C LEU A 837 17.33 -12.49 0.42
N ILE A 838 17.64 -12.45 1.72
CA ILE A 838 17.67 -13.65 2.56
C ILE A 838 16.33 -14.42 2.56
N GLN A 839 15.24 -13.68 2.68
CA GLN A 839 13.92 -14.27 2.84
C GLN A 839 13.54 -14.96 1.52
N GLY A 840 14.01 -14.40 0.42
CA GLY A 840 13.63 -14.88 -0.90
C GLY A 840 14.43 -16.09 -1.35
N VAL A 841 15.67 -16.16 -0.89
CA VAL A 841 16.61 -17.20 -1.27
C VAL A 841 16.46 -18.41 -0.36
N THR A 842 15.94 -18.21 0.86
CA THR A 842 15.76 -19.29 1.83
C THR A 842 14.31 -19.77 1.82
N ARG A 843 13.53 -19.14 0.96
CA ARG A 843 12.08 -19.35 0.88
C ARG A 843 11.73 -20.83 0.82
N ARG A 844 12.39 -21.57 -0.09
CA ARG A 844 12.11 -22.97 -0.33
C ARG A 844 12.50 -23.91 0.80
N PHE A 845 13.49 -23.54 1.62
CA PHE A 845 14.08 -24.46 2.60
C PHE A 845 13.05 -25.24 3.42
N SER A 846 12.99 -26.55 3.22
CA SER A 846 11.99 -27.38 3.90
C SER A 846 12.51 -28.68 4.48
N SER A 847 13.83 -28.81 4.61
CA SER A 847 14.42 -30.06 5.10
C SER A 847 15.46 -29.84 6.19
N GLU A 848 15.66 -30.87 7.02
CA GLU A 848 16.70 -30.86 8.05
C GLU A 848 18.06 -30.46 7.45
N PHE A 849 18.47 -31.17 6.40
CA PHE A 849 19.70 -30.84 5.69
C PHE A 849 19.81 -29.34 5.37
N GLU A 850 18.78 -28.78 4.77
CA GLU A 850 18.78 -27.37 4.38
C GLU A 850 18.93 -26.44 5.59
N LEU A 851 18.33 -26.84 6.70
CA LEU A 851 18.46 -26.13 7.96
C LEU A 851 19.91 -26.15 8.50
N GLN A 852 20.54 -27.31 8.48
CA GLN A 852 21.97 -27.42 8.84
C GLN A 852 22.86 -26.50 7.99
N GLN A 853 22.51 -26.38 6.70
CA GLN A 853 23.21 -25.49 5.78
C GLN A 853 23.05 -24.05 6.24
N LEU A 854 21.82 -23.72 6.62
CA LEU A 854 21.49 -22.37 7.06
C LEU A 854 22.16 -22.01 8.39
N GLU A 855 22.16 -22.94 9.35
CA GLU A 855 22.90 -22.76 10.61
C GLU A 855 24.37 -22.58 10.32
N GLN A 856 24.91 -23.51 9.54
CA GLN A 856 26.30 -23.48 9.09
C GLN A 856 26.70 -22.14 8.42
N PHE A 857 25.78 -21.52 7.71
CA PHE A 857 26.01 -20.20 7.12
C PHE A 857 26.04 -19.09 8.15
N LYS A 858 25.16 -19.17 9.14
CA LYS A 858 25.11 -18.21 10.25
C LYS A 858 26.42 -18.20 11.06
N LYS A 859 27.17 -19.31 10.99
CA LYS A 859 28.45 -19.45 11.68
C LYS A 859 29.55 -18.49 11.19
N ASN A 860 29.30 -17.74 10.12
CA ASN A 860 30.17 -16.61 9.74
C ASN A 860 29.90 -15.38 10.60
N ASN A 861 29.13 -15.57 11.67
CA ASN A 861 28.79 -14.55 12.65
C ASN A 861 29.89 -13.54 12.89
N MET A 862 31.13 -14.05 13.00
CA MET A 862 32.35 -13.24 13.12
C MET A 862 32.25 -11.96 12.31
N ASP A 863 31.79 -10.90 12.97
CA ASP A 863 31.55 -9.61 12.31
C ASP A 863 30.93 -9.75 10.93
N VAL A 864 31.29 -8.84 10.02
CA VAL A 864 30.51 -8.54 8.80
C VAL A 864 29.01 -8.44 9.09
N GLY A 865 28.59 -9.08 10.19
CA GLY A 865 27.22 -9.00 10.72
C GLY A 865 26.20 -9.50 9.74
N PHE A 866 25.01 -8.89 9.78
CA PHE A 866 23.96 -9.15 8.79
C PHE A 866 23.27 -7.86 8.32
N GLY A 867 23.62 -6.72 8.93
CA GLY A 867 23.08 -5.42 8.53
C GLY A 867 21.59 -5.27 8.80
N SER A 868 20.88 -4.68 7.83
CA SER A 868 19.41 -4.49 7.91
C SER A 868 18.62 -5.80 7.83
N GLY A 869 19.31 -6.90 7.50
CA GLY A 869 18.73 -8.22 7.59
C GLY A 869 19.20 -8.97 8.83
N THR A 870 19.78 -8.26 9.79
CA THR A 870 20.14 -8.87 11.08
C THR A 870 18.85 -9.35 11.72
N ARG A 871 18.79 -10.66 11.98
CA ARG A 871 17.60 -11.32 12.55
C ARG A 871 16.42 -11.40 11.55
N ALA A 872 16.67 -11.02 10.30
CA ALA A 872 15.84 -11.52 9.21
C ALA A 872 16.43 -12.89 8.81
N LEU A 873 17.58 -13.21 9.38
CA LEU A 873 18.12 -14.56 9.35
C LEU A 873 17.48 -15.46 10.41
N GLU A 874 17.10 -14.90 11.56
CA GLU A 874 16.37 -15.66 12.58
C GLU A 874 15.02 -16.14 12.02
N GLN A 875 14.30 -15.22 11.38
CA GLN A 875 13.01 -15.50 10.75
C GLN A 875 13.10 -16.66 9.76
N ALA A 876 14.24 -16.70 9.06
CA ALA A 876 14.52 -17.71 8.04
C ALA A 876 14.80 -19.08 8.64
N LEU A 877 15.49 -19.09 9.78
CA LEU A 877 15.70 -20.34 10.52
C LEU A 877 14.36 -20.89 11.03
N GLU A 878 13.57 -20.03 11.67
CA GLU A 878 12.25 -20.39 12.21
C GLU A 878 11.27 -20.76 11.10
N LYS A 879 11.46 -20.18 9.93
CA LYS A 879 10.55 -20.48 8.82
C LYS A 879 10.83 -21.86 8.22
N THR A 880 12.10 -22.27 8.20
CA THR A 880 12.49 -23.60 7.71
C THR A 880 11.97 -24.75 8.62
N LYS A 881 12.03 -24.50 9.94
CA LYS A 881 11.54 -25.44 10.96
C LYS A 881 10.05 -25.71 10.77
N ALA A 882 9.33 -24.63 10.46
CA ALA A 882 7.90 -24.71 10.21
C ALA A 882 7.66 -25.50 8.93
N ASN A 883 8.45 -25.19 7.90
CA ASN A 883 8.33 -25.88 6.62
C ASN A 883 8.60 -27.39 6.68
N ILE A 884 9.69 -27.76 7.35
CA ILE A 884 10.02 -29.17 7.63
C ILE A 884 8.85 -29.90 8.29
N LYS A 885 8.32 -29.27 9.34
CA LYS A 885 7.20 -29.80 10.10
C LYS A 885 5.92 -29.87 9.25
N TRP A 886 5.72 -28.89 8.38
CA TRP A 886 4.56 -28.88 7.46
C TRP A 886 4.70 -29.90 6.36
N VAL A 887 5.91 -30.08 5.83
CA VAL A 887 6.20 -31.03 4.75
C VAL A 887 6.10 -32.50 5.23
N LYS A 888 6.49 -32.76 6.47
CA LYS A 888 6.34 -34.10 7.01
C LYS A 888 4.86 -34.46 7.10
N GLU A 889 4.07 -33.56 7.67
CA GLU A 889 2.65 -33.84 7.89
C GLU A 889 1.83 -33.92 6.62
N ASN A 890 2.29 -33.24 5.56
CA ASN A 890 1.48 -33.03 4.36
C ASN A 890 1.86 -33.81 3.09
N LYS A 891 3.15 -34.11 2.95
CA LYS A 891 3.69 -34.76 1.73
C LYS A 891 2.79 -35.90 1.22
N GLU A 892 2.68 -36.95 2.03
CA GLU A 892 1.90 -38.15 1.73
C GLU A 892 0.47 -37.85 1.24
N VAL A 893 -0.32 -37.20 2.09
CA VAL A 893 -1.73 -36.92 1.82
C VAL A 893 -1.84 -36.12 0.52
N VAL A 894 -0.96 -35.14 0.39
CA VAL A 894 -0.95 -34.23 -0.76
C VAL A 894 -0.64 -35.01 -2.04
N LEU A 895 0.48 -35.71 -2.03
CA LEU A 895 0.91 -36.56 -3.17
C LEU A 895 -0.19 -37.46 -3.70
N ASN A 896 -0.81 -38.19 -2.79
CA ASN A 896 -1.87 -39.15 -3.10
C ASN A 896 -3.06 -38.48 -3.75
N TRP A 897 -3.53 -37.40 -3.13
CA TRP A 897 -4.58 -36.53 -3.68
C TRP A 897 -4.27 -36.07 -5.11
N PHE A 898 -3.07 -35.56 -5.35
CA PHE A 898 -2.76 -35.05 -6.68
C PHE A 898 -2.74 -36.16 -7.73
N ILE A 899 -2.14 -37.30 -7.38
CA ILE A 899 -2.13 -38.48 -8.25
C ILE A 899 -3.56 -38.90 -8.49
N GLU A 900 -4.30 -39.06 -7.40
CA GLU A 900 -5.72 -39.42 -7.46
C GLU A 900 -6.46 -38.53 -8.46
N HIS A 901 -6.21 -37.22 -8.45
CA HIS A 901 -7.00 -36.27 -9.23
C HIS A 901 -6.40 -35.75 -10.55
N SER A 902 -5.22 -36.26 -10.94
CA SER A 902 -4.57 -35.82 -12.19
C SER A 902 -4.96 -36.62 -13.45
N SER A 903 -6.10 -37.33 -13.37
CA SER A 903 -6.66 -38.13 -14.46
C SER A 903 -5.80 -39.35 -14.78
#